data_6ZRH
#
_entry.id   6ZRH
#
_cell.length_a   80.930
_cell.length_b   80.930
_cell.length_c   152.150
_cell.angle_alpha   90.000
_cell.angle_beta   90.000
_cell.angle_gamma   120.000
#
_symmetry.space_group_name_H-M   'P 32'
#
loop_
_entity.id
_entity.type
_entity.pdbx_description
1 polymer Beta-lactamase
2 non-polymer '(2S,3R,4S)-4-({(3S,5S)-5-[(3-carboxyphenyl)carbamoyl]pyrrolidin-3-yl}sulfanyl)-2-[(1S,2R)-1-formyl-2-hydroxypropyl]-3-methyl-3,4-dihydro-2H-pyrrole-5-carboxylic acid'
3 non-polymer 1,2-ETHANEDIOL
4 water water
#
_entity_poly.entity_id   1
_entity_poly.type   'polypeptide(L)'
_entity_poly.pdbx_seq_one_letter_code
;SITENTSWNKEFSAEAVNGVFVLCKSSSKSCATNDLARASKEYLPASTF(KCX)IPNAIIGLETGVIKNEHQVFKWDGKP
RAMKQWERDLTLRGAIQVSAVPVFQQIAREVGEVRMQKYLKKFSYGNQNISGGIDKFWLEGQLRISAVNQVEFLESLYLN
KLSASKENQLIVKEALVTEAAPEYLVHSKTGWGMGVTPQVGWWVGWVEKETEVYFFAFNMDIDNESKLPLRKSIPTKIME
SEGIIGG
;
_entity_poly.pdbx_strand_id   A,B,C,D
#
loop_
_chem_comp.id
_chem_comp.type
_chem_comp.name
_chem_comp.formula
2RG non-polymer '(2S,3R,4S)-4-({(3S,5S)-5-[(3-carboxyphenyl)carbamoyl]pyrrolidin-3-yl}sulfanyl)-2-[(1S,2R)-1-formyl-2-hydroxypropyl]-3-methyl-3,4-dihydro-2H-pyrrole-5-carboxylic acid' 'C22 H27 N3 O7 S'
EDO non-polymer 1,2-ETHANEDIOL 'C2 H6 O2'
#
# COMPACT_ATOMS: atom_id res chain seq x y z
N SER A 1 -7.74 -1.98 15.37
CA SER A 1 -6.59 -2.70 14.73
C SER A 1 -6.40 -4.08 15.37
N ILE A 2 -6.27 -5.11 14.52
CA ILE A 2 -5.91 -6.45 14.95
C ILE A 2 -4.56 -6.41 15.65
N THR A 3 -4.43 -7.09 16.79
CA THR A 3 -3.22 -7.11 17.61
CA THR A 3 -3.20 -7.09 17.55
C THR A 3 -2.50 -8.44 17.39
N GLU A 4 -1.16 -8.43 17.52
CA GLU A 4 -0.40 -9.66 17.49
C GLU A 4 -0.16 -10.19 18.90
N ASN A 5 -0.36 -11.51 19.08
CA ASN A 5 -0.19 -12.26 20.34
C ASN A 5 0.83 -13.37 20.14
N THR A 6 2.10 -13.04 20.27
CA THR A 6 3.21 -13.99 20.04
C THR A 6 3.08 -15.26 20.87
N SER A 7 2.60 -15.09 22.09
CA SER A 7 2.41 -16.19 23.04
C SER A 7 1.82 -17.42 22.34
N TRP A 8 0.75 -17.20 21.53
CA TRP A 8 0.08 -18.30 20.88
C TRP A 8 1.03 -19.18 20.09
N ASN A 9 2.24 -18.66 19.74
CA ASN A 9 3.16 -19.43 18.89
C ASN A 9 3.56 -20.75 19.56
N LYS A 10 3.52 -20.74 20.89
CA LYS A 10 3.92 -21.88 21.70
C LYS A 10 3.10 -23.10 21.31
N GLU A 11 1.84 -22.89 20.91
CA GLU A 11 0.98 -24.00 20.56
C GLU A 11 1.32 -24.54 19.17
N PHE A 12 2.07 -23.76 18.36
CA PHE A 12 2.43 -24.15 17.01
C PHE A 12 3.75 -24.93 16.99
N SER A 13 4.53 -24.78 18.08
CA SER A 13 5.96 -25.06 18.13
C SER A 13 6.27 -26.56 18.21
N ALA A 14 5.60 -27.28 19.12
CA ALA A 14 5.90 -28.69 19.33
C ALA A 14 5.76 -29.49 18.02
N GLU A 15 4.76 -29.10 17.22
CA GLU A 15 4.42 -29.87 16.02
C GLU A 15 5.06 -29.23 14.79
N ALA A 16 5.90 -28.21 15.04
CA ALA A 16 6.51 -27.45 13.96
C ALA A 16 5.43 -27.00 12.96
N VAL A 17 4.40 -26.29 13.44
CA VAL A 17 3.33 -25.90 12.51
C VAL A 17 3.54 -24.47 12.03
N ASN A 18 3.45 -24.31 10.71
CA ASN A 18 3.42 -23.00 10.07
C ASN A 18 1.96 -22.60 9.83
N GLY A 19 1.44 -21.66 10.63
CA GLY A 19 0.01 -21.38 10.59
C GLY A 19 -0.37 -20.07 11.28
N VAL A 20 -1.69 -19.77 11.25
CA VAL A 20 -2.17 -18.55 11.84
C VAL A 20 -3.53 -18.84 12.45
N PHE A 21 -3.78 -18.18 13.56
CA PHE A 21 -5.11 -18.15 14.18
C PHE A 21 -5.51 -16.69 14.32
N VAL A 22 -6.76 -16.39 13.92
CA VAL A 22 -7.38 -15.10 14.10
C VAL A 22 -8.62 -15.34 14.97
N LEU A 23 -8.75 -14.56 16.05
CA LEU A 23 -9.79 -14.76 17.05
C LEU A 23 -10.29 -13.39 17.47
N CYS A 24 -11.60 -13.16 17.34
CA CYS A 24 -12.17 -11.85 17.61
C CYS A 24 -13.36 -11.99 18.58
N LYS A 25 -13.42 -11.12 19.60
CA LYS A 25 -14.54 -11.09 20.50
C LYS A 25 -15.57 -10.11 19.95
N SER A 26 -16.85 -10.51 19.95
CA SER A 26 -18.00 -9.66 19.66
C SER A 26 -18.04 -9.22 18.19
N SER A 27 -16.91 -8.80 17.60
CA SER A 27 -16.91 -8.21 16.25
C SER A 27 -15.52 -8.32 15.63
N SER A 28 -15.44 -8.10 14.32
CA SER A 28 -14.13 -8.15 13.69
C SER A 28 -13.33 -6.86 13.96
N LYS A 29 -13.82 -5.97 14.84
CA LYS A 29 -13.11 -4.77 15.25
C LYS A 29 -12.31 -5.04 16.54
N SER A 30 -12.38 -6.28 17.04
CA SER A 30 -11.65 -6.62 18.24
C SER A 30 -10.93 -7.95 18.07
N CYS A 31 -9.86 -7.99 17.25
CA CYS A 31 -9.26 -9.26 16.84
C CYS A 31 -7.81 -9.37 17.34
N ALA A 32 -7.33 -10.60 17.49
CA ALA A 32 -5.92 -10.88 17.75
C ALA A 32 -5.49 -12.04 16.88
N THR A 33 -4.18 -12.13 16.67
CA THR A 33 -3.59 -13.20 15.87
C THR A 33 -2.17 -13.47 16.36
N ASN A 34 -1.67 -14.67 16.07
CA ASN A 34 -0.29 -14.99 16.38
C ASN A 34 0.64 -14.38 15.31
N ASP A 35 0.09 -14.05 14.12
CA ASP A 35 0.98 -13.67 13.01
C ASP A 35 0.27 -12.70 12.08
N LEU A 36 0.53 -11.39 12.23
CA LEU A 36 -0.12 -10.33 11.48
C LEU A 36 0.00 -10.52 9.97
N ALA A 37 1.21 -10.88 9.50
CA ALA A 37 1.47 -11.11 8.09
C ALA A 37 0.61 -12.27 7.59
N ARG A 38 0.64 -13.41 8.30
CA ARG A 38 -0.08 -14.57 7.77
C ARG A 38 -1.60 -14.36 7.87
N ALA A 39 -2.07 -13.64 8.90
CA ALA A 39 -3.49 -13.35 9.11
C ALA A 39 -4.15 -12.81 7.85
N SER A 40 -3.41 -11.98 7.08
CA SER A 40 -3.96 -11.26 5.94
CA SER A 40 -3.96 -11.27 5.95
C SER A 40 -3.59 -11.97 4.64
N LYS A 41 -2.74 -13.00 4.72
CA LYS A 41 -2.35 -13.71 3.50
C LYS A 41 -3.52 -14.58 3.00
N GLU A 42 -3.70 -14.67 1.68
CA GLU A 42 -4.87 -15.34 1.11
C GLU A 42 -4.51 -16.75 0.66
N TYR A 43 -5.32 -17.74 1.07
CA TYR A 43 -5.10 -19.13 0.75
C TYR A 43 -6.33 -19.70 0.04
N LEU A 44 -6.12 -20.78 -0.73
CA LEU A 44 -7.22 -21.47 -1.36
C LEU A 44 -8.23 -21.91 -0.28
N PRO A 45 -9.55 -21.61 -0.45
CA PRO A 45 -10.53 -21.88 0.61
C PRO A 45 -10.89 -23.36 0.79
N ALA A 46 -10.67 -24.16 -0.28
CA ALA A 46 -11.06 -25.57 -0.29
C ALA A 46 -12.46 -25.68 0.33
N SER A 47 -12.70 -26.73 1.14
CA SER A 47 -14.08 -27.04 1.53
C SER A 47 -14.72 -25.92 2.35
N THR A 48 -13.93 -24.97 2.87
CA THR A 48 -14.56 -23.83 3.55
C THR A 48 -15.46 -23.05 2.58
N PHE A 49 -15.21 -23.15 1.26
CA PHE A 49 -16.06 -22.50 0.25
C PHE A 49 -17.48 -23.07 0.24
N KCX A 50 -17.71 -24.23 0.90
CA KCX A 50 -19.07 -24.74 0.93
CB KCX A 50 -19.12 -26.14 1.54
CG KCX A 50 -18.70 -27.24 0.58
CD KCX A 50 -18.71 -28.66 1.11
CE KCX A 50 -18.02 -29.65 0.15
NZ KCX A 50 -16.62 -29.34 -0.14
C KCX A 50 -20.00 -23.77 1.67
O KCX A 50 -21.20 -23.84 1.48
CX KCX A 50 -16.20 -28.61 -1.27
OQ1 KCX A 50 -16.96 -28.23 -2.14
OQ2 KCX A 50 -14.91 -28.31 -1.36
N ILE A 51 -19.48 -22.91 2.55
CA ILE A 51 -20.34 -21.96 3.25
C ILE A 51 -20.95 -20.91 2.30
N PRO A 52 -20.15 -20.11 1.53
CA PRO A 52 -20.78 -19.20 0.57
C PRO A 52 -21.53 -19.95 -0.53
N ASN A 53 -21.04 -21.13 -0.90
CA ASN A 53 -21.63 -21.84 -2.03
C ASN A 53 -23.03 -22.30 -1.63
N ALA A 54 -23.17 -22.86 -0.40
CA ALA A 54 -24.49 -23.20 0.11
C ALA A 54 -25.45 -22.00 0.07
N ILE A 55 -25.01 -20.84 0.58
CA ILE A 55 -25.86 -19.65 0.64
C ILE A 55 -26.26 -19.21 -0.77
N ILE A 56 -25.28 -19.16 -1.68
CA ILE A 56 -25.52 -18.77 -3.07
C ILE A 56 -26.51 -19.75 -3.69
N GLY A 57 -26.33 -21.05 -3.44
CA GLY A 57 -27.20 -22.07 -3.98
C GLY A 57 -28.66 -21.87 -3.55
N LEU A 58 -28.84 -21.60 -2.25
CA LEU A 58 -30.16 -21.31 -1.72
C LEU A 58 -30.69 -20.02 -2.33
N GLU A 59 -29.89 -18.94 -2.36
CA GLU A 59 -30.39 -17.65 -2.81
C GLU A 59 -30.84 -17.69 -4.28
N THR A 60 -30.19 -18.54 -5.08
CA THR A 60 -30.49 -18.59 -6.51
C THR A 60 -31.68 -19.52 -6.79
N GLY A 61 -31.98 -20.41 -5.86
CA GLY A 61 -33.00 -21.41 -6.15
C GLY A 61 -32.36 -22.73 -6.57
N VAL A 62 -31.04 -22.72 -6.80
CA VAL A 62 -30.39 -23.96 -7.17
C VAL A 62 -30.60 -25.03 -6.10
N ILE A 63 -30.53 -24.60 -4.82
CA ILE A 63 -30.87 -25.51 -3.72
C ILE A 63 -32.30 -25.17 -3.29
N LYS A 64 -33.18 -26.18 -3.25
CA LYS A 64 -34.62 -25.98 -3.13
C LYS A 64 -34.93 -25.39 -1.76
N ASN A 65 -34.41 -26.04 -0.70
N ASN A 65 -34.45 -26.07 -0.72
CA ASN A 65 -34.57 -25.66 0.69
CA ASN A 65 -34.66 -25.58 0.63
C ASN A 65 -33.69 -26.49 1.61
C ASN A 65 -33.85 -26.43 1.61
N GLU A 66 -33.85 -26.19 2.90
N GLU A 66 -34.04 -26.04 2.86
CA GLU A 66 -33.34 -26.90 4.06
CA GLU A 66 -33.65 -26.74 4.06
C GLU A 66 -33.49 -28.43 3.93
C GLU A 66 -33.56 -28.26 3.89
N HIS A 67 -34.61 -28.88 3.33
CA HIS A 67 -34.91 -30.31 3.42
C HIS A 67 -34.53 -31.08 2.15
N GLN A 68 -33.91 -30.39 1.19
CA GLN A 68 -33.49 -31.04 -0.05
C GLN A 68 -32.55 -32.20 0.24
N VAL A 69 -32.86 -33.36 -0.36
CA VAL A 69 -31.95 -34.48 -0.29
C VAL A 69 -31.15 -34.56 -1.58
N PHE A 70 -29.82 -34.64 -1.44
CA PHE A 70 -28.89 -34.80 -2.55
C PHE A 70 -28.66 -36.29 -2.78
N LYS A 71 -29.28 -36.84 -3.82
CA LYS A 71 -29.26 -38.28 -4.04
C LYS A 71 -27.93 -38.73 -4.64
N TRP A 72 -27.42 -39.87 -4.18
CA TRP A 72 -26.25 -40.40 -4.84
C TRP A 72 -26.74 -41.24 -6.03
N ASP A 73 -26.06 -41.10 -7.16
CA ASP A 73 -26.48 -41.75 -8.40
C ASP A 73 -25.87 -43.15 -8.52
N GLY A 74 -25.05 -43.56 -7.56
CA GLY A 74 -24.58 -44.94 -7.55
C GLY A 74 -23.22 -45.05 -8.22
N LYS A 75 -22.81 -43.95 -8.88
CA LYS A 75 -21.52 -43.86 -9.55
C LYS A 75 -20.44 -43.61 -8.49
N PRO A 76 -19.23 -44.23 -8.55
CA PRO A 76 -18.29 -44.12 -7.44
C PRO A 76 -17.85 -42.66 -7.31
N ARG A 77 -17.55 -42.27 -6.07
CA ARG A 77 -17.08 -40.94 -5.74
C ARG A 77 -15.73 -41.10 -5.06
N ALA A 78 -15.02 -39.99 -4.92
CA ALA A 78 -13.62 -40.00 -4.47
C ALA A 78 -13.50 -40.51 -3.04
N MET A 79 -14.58 -40.41 -2.25
CA MET A 79 -14.59 -40.85 -0.87
C MET A 79 -15.85 -41.65 -0.60
N LYS A 80 -15.70 -42.79 0.11
CA LYS A 80 -16.80 -43.70 0.43
C LYS A 80 -17.84 -42.94 1.26
N GLN A 81 -17.38 -42.05 2.16
CA GLN A 81 -18.23 -41.24 3.04
C GLN A 81 -19.23 -40.41 2.22
N TRP A 82 -18.95 -40.21 0.91
CA TRP A 82 -19.81 -39.40 0.05
C TRP A 82 -20.76 -40.26 -0.77
N GLU A 83 -20.62 -41.60 -0.69
CA GLU A 83 -21.43 -42.48 -1.52
C GLU A 83 -22.74 -42.85 -0.85
N ARG A 84 -23.60 -41.85 -0.68
CA ARG A 84 -24.89 -42.03 -0.01
C ARG A 84 -25.73 -40.77 -0.26
N ASP A 85 -27.04 -40.87 -0.01
CA ASP A 85 -27.85 -39.66 -0.02
C ASP A 85 -27.45 -38.79 1.17
N LEU A 86 -27.51 -37.46 0.97
CA LEU A 86 -27.08 -36.49 1.95
C LEU A 86 -28.09 -35.34 1.97
N THR A 87 -28.38 -34.86 3.18
CA THR A 87 -29.06 -33.58 3.38
C THR A 87 -28.05 -32.46 3.13
N LEU A 88 -28.52 -31.22 3.13
CA LEU A 88 -27.62 -30.09 2.98
C LEU A 88 -26.59 -30.12 4.11
N ARG A 89 -27.04 -30.28 5.37
CA ARG A 89 -26.13 -30.26 6.51
CA ARG A 89 -26.16 -30.29 6.53
C ARG A 89 -25.15 -31.43 6.39
N GLY A 90 -25.65 -32.62 6.02
CA GLY A 90 -24.76 -33.75 5.83
C GLY A 90 -23.70 -33.45 4.77
N ALA A 91 -24.16 -32.91 3.63
CA ALA A 91 -23.25 -32.64 2.49
C ALA A 91 -22.15 -31.66 2.90
N ILE A 92 -22.54 -30.63 3.69
CA ILE A 92 -21.57 -29.66 4.20
C ILE A 92 -20.64 -30.37 5.20
N GLN A 93 -21.20 -31.14 6.16
CA GLN A 93 -20.41 -31.65 7.29
CA GLN A 93 -20.37 -31.61 7.26
C GLN A 93 -19.48 -32.80 6.89
N VAL A 94 -19.86 -33.59 5.87
CA VAL A 94 -18.90 -34.58 5.39
C VAL A 94 -18.10 -34.05 4.21
N SER A 95 -18.30 -32.79 3.87
CA SER A 95 -17.54 -32.14 2.83
C SER A 95 -17.70 -32.82 1.46
N ALA A 96 -18.93 -33.09 1.03
CA ALA A 96 -19.20 -33.87 -0.19
C ALA A 96 -19.02 -32.99 -1.43
N VAL A 97 -17.78 -32.88 -1.88
CA VAL A 97 -17.39 -32.03 -3.00
C VAL A 97 -18.30 -32.18 -4.22
N PRO A 98 -18.56 -33.40 -4.72
CA PRO A 98 -19.33 -33.55 -5.95
C PRO A 98 -20.72 -32.93 -5.84
N VAL A 99 -21.31 -32.98 -4.63
CA VAL A 99 -22.59 -32.29 -4.48
C VAL A 99 -22.43 -30.79 -4.78
N PHE A 100 -21.40 -30.15 -4.19
CA PHE A 100 -21.14 -28.73 -4.36
C PHE A 100 -20.59 -28.36 -5.75
N GLN A 101 -19.92 -29.31 -6.41
CA GLN A 101 -19.56 -29.07 -7.81
C GLN A 101 -20.81 -28.91 -8.69
N GLN A 102 -21.77 -29.81 -8.50
CA GLN A 102 -23.02 -29.73 -9.22
C GLN A 102 -23.74 -28.42 -8.89
N ILE A 103 -23.80 -28.03 -7.61
CA ILE A 103 -24.45 -26.76 -7.23
C ILE A 103 -23.74 -25.62 -7.96
N ALA A 104 -22.40 -25.60 -7.91
CA ALA A 104 -21.66 -24.50 -8.56
C ALA A 104 -21.96 -24.40 -10.07
N ARG A 105 -21.99 -25.55 -10.77
CA ARG A 105 -22.31 -25.58 -12.20
CA ARG A 105 -22.30 -25.56 -12.20
C ARG A 105 -23.68 -24.96 -12.47
N GLU A 106 -24.65 -25.28 -11.62
CA GLU A 106 -26.00 -24.80 -11.80
C GLU A 106 -26.13 -23.33 -11.42
N VAL A 107 -25.33 -22.89 -10.43
CA VAL A 107 -25.23 -21.46 -10.17
C VAL A 107 -24.71 -20.70 -11.40
N GLY A 108 -23.55 -21.16 -11.89
CA GLY A 108 -22.97 -20.61 -13.11
C GLY A 108 -22.04 -19.44 -12.80
N GLU A 109 -21.21 -19.14 -13.81
CA GLU A 109 -20.11 -18.21 -13.64
CA GLU A 109 -20.10 -18.20 -13.65
C GLU A 109 -20.61 -16.80 -13.31
N VAL A 110 -21.60 -16.30 -14.09
CA VAL A 110 -22.05 -14.92 -13.92
C VAL A 110 -22.62 -14.67 -12.52
N ARG A 111 -23.49 -15.58 -12.08
CA ARG A 111 -24.05 -15.40 -10.75
C ARG A 111 -22.96 -15.61 -9.69
N MET A 112 -22.18 -16.67 -9.78
CA MET A 112 -21.15 -16.90 -8.76
C MET A 112 -20.26 -15.67 -8.59
N GLN A 113 -19.83 -15.06 -9.72
CA GLN A 113 -18.97 -13.90 -9.67
C GLN A 113 -19.60 -12.76 -8.88
N LYS A 114 -20.86 -12.48 -9.20
CA LYS A 114 -21.57 -11.40 -8.57
C LYS A 114 -21.72 -11.69 -7.06
N TYR A 115 -22.13 -12.90 -6.67
CA TYR A 115 -22.26 -13.13 -5.22
C TYR A 115 -20.91 -13.02 -4.49
N LEU A 116 -19.78 -13.43 -5.10
CA LEU A 116 -18.55 -13.27 -4.33
C LEU A 116 -18.20 -11.79 -4.18
N LYS A 117 -18.63 -10.96 -5.16
CA LYS A 117 -18.44 -9.53 -5.00
C LYS A 117 -19.34 -9.02 -3.86
N LYS A 118 -20.61 -9.50 -3.80
CA LYS A 118 -21.52 -9.03 -2.76
C LYS A 118 -21.02 -9.47 -1.38
N PHE A 119 -20.40 -10.65 -1.29
CA PHE A 119 -19.93 -11.17 0.00
C PHE A 119 -18.52 -10.69 0.33
N SER A 120 -17.91 -9.89 -0.57
CA SER A 120 -16.52 -9.48 -0.46
C SER A 120 -15.62 -10.69 -0.16
N TYR A 121 -15.72 -11.76 -0.96
CA TYR A 121 -15.10 -13.04 -0.58
C TYR A 121 -13.69 -13.14 -1.18
N GLY A 122 -12.65 -12.73 -0.43
CA GLY A 122 -11.27 -12.92 -0.85
C GLY A 122 -10.92 -12.18 -2.13
N ASN A 123 -10.13 -12.85 -2.99
CA ASN A 123 -9.69 -12.19 -4.21
C ASN A 123 -10.76 -12.27 -5.31
N GLN A 124 -11.89 -12.97 -5.06
CA GLN A 124 -13.07 -13.03 -5.94
C GLN A 124 -12.71 -13.59 -7.31
N ASN A 125 -11.65 -14.41 -7.36
CA ASN A 125 -11.15 -14.98 -8.62
C ASN A 125 -11.72 -16.38 -8.83
N ILE A 126 -12.64 -16.53 -9.77
CA ILE A 126 -13.26 -17.85 -9.94
C ILE A 126 -12.81 -18.48 -11.23
N SER A 127 -11.68 -18.01 -11.79
CA SER A 127 -11.15 -18.69 -12.96
C SER A 127 -10.64 -20.09 -12.56
N GLY A 128 -10.60 -20.96 -13.56
CA GLY A 128 -10.10 -22.33 -13.43
C GLY A 128 -11.23 -23.32 -13.73
N GLY A 129 -12.37 -22.82 -14.20
CA GLY A 129 -13.54 -23.70 -14.31
C GLY A 129 -14.50 -23.63 -13.10
N ILE A 130 -15.80 -23.61 -13.38
CA ILE A 130 -16.84 -23.20 -12.45
C ILE A 130 -16.94 -24.20 -11.31
N ASP A 131 -16.48 -25.44 -11.53
CA ASP A 131 -16.66 -26.52 -10.56
C ASP A 131 -15.34 -26.87 -9.88
N LYS A 132 -14.27 -26.07 -10.10
CA LYS A 132 -13.00 -26.35 -9.42
C LYS A 132 -12.26 -25.10 -8.91
N PHE A 133 -12.81 -23.90 -9.07
CA PHE A 133 -12.06 -22.71 -8.71
C PHE A 133 -11.63 -22.67 -7.24
N TRP A 134 -12.39 -23.28 -6.32
CA TRP A 134 -12.09 -23.21 -4.89
C TRP A 134 -11.26 -24.41 -4.45
N LEU A 135 -11.04 -25.36 -5.39
CA LEU A 135 -10.29 -26.59 -5.16
C LEU A 135 -8.86 -26.51 -5.72
N GLU A 136 -8.71 -25.91 -6.90
CA GLU A 136 -7.42 -25.97 -7.58
C GLU A 136 -7.23 -24.76 -8.50
N GLY A 137 -8.23 -23.89 -8.54
CA GLY A 137 -8.15 -22.63 -9.25
C GLY A 137 -7.46 -21.56 -8.43
N GLN A 138 -7.86 -20.31 -8.70
CA GLN A 138 -7.11 -19.15 -8.27
C GLN A 138 -7.82 -18.41 -7.14
N LEU A 139 -8.98 -18.91 -6.66
CA LEU A 139 -9.64 -18.21 -5.55
C LEU A 139 -8.79 -18.37 -4.29
N ARG A 140 -8.69 -17.28 -3.53
CA ARG A 140 -7.86 -17.24 -2.32
C ARG A 140 -8.52 -16.28 -1.34
N ILE A 141 -8.50 -16.63 -0.02
CA ILE A 141 -9.09 -15.75 0.98
C ILE A 141 -8.22 -15.81 2.23
N SER A 142 -8.18 -14.71 2.98
CA SER A 142 -7.40 -14.68 4.21
C SER A 142 -8.24 -15.11 5.42
N ALA A 143 -7.56 -15.40 6.52
CA ALA A 143 -8.19 -15.73 7.80
C ALA A 143 -8.98 -14.53 8.26
N VAL A 144 -8.42 -13.32 8.15
CA VAL A 144 -9.16 -12.12 8.55
C VAL A 144 -10.46 -12.00 7.73
N ASN A 145 -10.37 -12.23 6.41
CA ASN A 145 -11.54 -12.17 5.54
C ASN A 145 -12.56 -13.28 5.86
N GLN A 146 -12.09 -14.50 6.20
CA GLN A 146 -13.03 -15.54 6.63
C GLN A 146 -13.79 -15.02 7.85
N VAL A 147 -13.07 -14.40 8.82
CA VAL A 147 -13.78 -13.93 10.00
C VAL A 147 -14.82 -12.86 9.65
N GLU A 148 -14.47 -11.94 8.75
CA GLU A 148 -15.38 -10.84 8.44
C GLU A 148 -16.64 -11.42 7.79
N PHE A 149 -16.47 -12.41 6.91
CA PHE A 149 -17.60 -13.03 6.21
C PHE A 149 -18.47 -13.81 7.21
N LEU A 150 -17.85 -14.52 8.16
CA LEU A 150 -18.63 -15.32 9.14
C LEU A 150 -19.40 -14.43 10.11
N GLU A 151 -18.81 -13.29 10.47
CA GLU A 151 -19.49 -12.31 11.31
C GLU A 151 -20.74 -11.82 10.59
N SER A 152 -20.61 -11.54 9.28
CA SER A 152 -21.76 -11.05 8.53
C SER A 152 -22.85 -12.10 8.55
N LEU A 153 -22.46 -13.39 8.33
CA LEU A 153 -23.40 -14.49 8.39
C LEU A 153 -24.07 -14.55 9.77
N TYR A 154 -23.29 -14.49 10.83
CA TYR A 154 -23.81 -14.59 12.18
C TYR A 154 -24.92 -13.55 12.30
N LEU A 155 -24.66 -12.34 11.80
CA LEU A 155 -25.53 -11.19 12.06
C LEU A 155 -26.66 -11.10 11.03
N ASN A 156 -26.74 -12.07 10.11
CA ASN A 156 -27.67 -12.06 8.99
C ASN A 156 -27.44 -10.82 8.11
N LYS A 157 -26.19 -10.37 8.03
CA LYS A 157 -25.85 -9.16 7.31
C LYS A 157 -25.28 -9.42 5.90
N LEU A 158 -25.16 -10.68 5.46
CA LEU A 158 -24.78 -10.92 4.06
C LEU A 158 -25.94 -10.53 3.14
N SER A 159 -25.63 -10.24 1.86
CA SER A 159 -26.63 -9.97 0.85
C SER A 159 -27.32 -11.26 0.40
N ALA A 160 -28.24 -11.70 1.26
CA ALA A 160 -29.00 -12.90 1.13
C ALA A 160 -30.14 -12.81 2.14
N SER A 161 -31.20 -13.57 1.92
CA SER A 161 -32.30 -13.52 2.87
C SER A 161 -31.84 -13.95 4.27
N LYS A 162 -32.55 -13.45 5.30
CA LYS A 162 -32.30 -13.92 6.65
C LYS A 162 -32.56 -15.41 6.74
N GLU A 163 -33.56 -15.88 6.02
CA GLU A 163 -33.94 -17.31 6.05
C GLU A 163 -32.81 -18.19 5.52
N ASN A 164 -32.23 -17.79 4.40
CA ASN A 164 -31.21 -18.63 3.81
C ASN A 164 -29.96 -18.58 4.70
N GLN A 165 -29.65 -17.42 5.29
CA GLN A 165 -28.54 -17.34 6.25
C GLN A 165 -28.79 -18.27 7.45
N LEU A 166 -30.03 -18.30 7.94
CA LEU A 166 -30.35 -19.15 9.08
C LEU A 166 -30.25 -20.62 8.71
N ILE A 167 -30.62 -20.97 7.46
CA ILE A 167 -30.55 -22.38 7.07
C ILE A 167 -29.10 -22.86 7.15
N VAL A 168 -28.19 -22.06 6.57
CA VAL A 168 -26.78 -22.39 6.52
C VAL A 168 -26.18 -22.41 7.92
N LYS A 169 -26.63 -21.50 8.77
CA LYS A 169 -26.15 -21.44 10.16
C LYS A 169 -26.44 -22.75 10.89
N GLU A 170 -27.67 -23.26 10.80
CA GLU A 170 -27.93 -24.53 11.48
C GLU A 170 -27.09 -25.66 10.90
N ALA A 171 -26.88 -25.65 9.57
CA ALA A 171 -26.03 -26.61 8.88
C ALA A 171 -24.59 -26.56 9.38
N LEU A 172 -24.19 -25.44 9.96
CA LEU A 172 -22.82 -25.34 10.44
C LEU A 172 -22.64 -25.73 11.91
N VAL A 173 -23.73 -26.02 12.63
CA VAL A 173 -23.56 -26.39 14.03
C VAL A 173 -22.72 -27.68 14.14
N THR A 174 -21.65 -27.62 14.94
CA THR A 174 -20.77 -28.77 15.05
C THR A 174 -20.62 -29.23 16.50
N GLU A 175 -20.82 -28.33 17.47
CA GLU A 175 -20.74 -28.80 18.84
C GLU A 175 -21.85 -28.08 19.60
N ALA A 176 -22.74 -28.85 20.26
CA ALA A 176 -23.83 -28.26 21.01
C ALA A 176 -23.65 -28.66 22.48
N ALA A 177 -23.30 -27.70 23.31
CA ALA A 177 -22.97 -28.07 24.67
C ALA A 177 -23.93 -27.28 25.52
N PRO A 178 -24.04 -27.61 26.82
CA PRO A 178 -24.99 -26.93 27.70
C PRO A 178 -24.56 -25.46 27.83
N GLU A 179 -23.24 -25.22 27.94
CA GLU A 179 -22.71 -23.88 28.19
C GLU A 179 -22.34 -23.15 26.89
N TYR A 180 -22.12 -23.83 25.76
CA TYR A 180 -21.68 -23.06 24.60
C TYR A 180 -22.13 -23.77 23.33
N LEU A 181 -22.06 -23.09 22.16
CA LEU A 181 -22.48 -23.66 20.87
C LEU A 181 -21.37 -23.34 19.85
N VAL A 182 -20.99 -24.31 19.02
CA VAL A 182 -19.95 -24.05 18.01
C VAL A 182 -20.53 -24.27 16.62
N HIS A 183 -20.36 -23.27 15.75
CA HIS A 183 -20.52 -23.38 14.31
C HIS A 183 -19.15 -23.40 13.67
N SER A 184 -18.88 -24.39 12.80
CA SER A 184 -17.56 -24.42 12.21
C SER A 184 -17.55 -25.22 10.92
N LYS A 185 -16.43 -25.04 10.22
CA LYS A 185 -16.21 -25.77 8.97
C LYS A 185 -14.70 -25.99 8.80
N THR A 186 -14.30 -27.25 8.55
CA THR A 186 -12.92 -27.61 8.20
C THR A 186 -12.67 -27.48 6.68
N GLY A 187 -11.37 -27.42 6.33
CA GLY A 187 -11.00 -27.57 4.93
C GLY A 187 -9.59 -28.14 4.85
N TRP A 188 -9.34 -28.88 3.75
CA TRP A 188 -8.00 -29.37 3.42
C TRP A 188 -7.81 -29.20 1.92
N GLY A 189 -7.03 -28.19 1.54
CA GLY A 189 -6.76 -27.88 0.14
C GLY A 189 -5.55 -28.67 -0.35
N MET A 190 -5.80 -29.81 -1.02
CA MET A 190 -4.75 -30.67 -1.55
C MET A 190 -4.28 -30.19 -2.92
N GLY A 191 -5.06 -29.29 -3.55
CA GLY A 191 -4.83 -28.82 -4.91
C GLY A 191 -3.89 -27.61 -4.97
N VAL A 192 -3.22 -27.28 -3.86
CA VAL A 192 -2.18 -26.25 -3.85
C VAL A 192 -0.97 -26.80 -3.10
N THR A 193 0.14 -26.04 -3.18
CA THR A 193 1.41 -26.34 -2.52
C THR A 193 1.93 -25.06 -1.89
N PRO A 194 2.22 -25.04 -0.56
CA PRO A 194 1.91 -26.18 0.31
C PRO A 194 0.40 -26.41 0.42
N GLN A 195 0.04 -27.63 0.82
CA GLN A 195 -1.34 -27.95 1.14
C GLN A 195 -1.80 -27.06 2.30
N VAL A 196 -3.08 -26.70 2.29
CA VAL A 196 -3.56 -25.79 3.32
C VAL A 196 -4.65 -26.48 4.12
N GLY A 197 -4.63 -26.30 5.44
CA GLY A 197 -5.75 -26.83 6.22
C GLY A 197 -6.42 -25.70 6.96
N TRP A 198 -7.77 -25.75 7.09
CA TRP A 198 -8.53 -24.67 7.66
C TRP A 198 -9.41 -25.22 8.77
N TRP A 199 -9.71 -24.36 9.75
CA TRP A 199 -10.92 -24.49 10.58
C TRP A 199 -11.40 -23.09 10.90
N VAL A 200 -12.67 -22.80 10.56
CA VAL A 200 -13.22 -21.46 10.67
C VAL A 200 -14.59 -21.61 11.31
N GLY A 201 -15.00 -20.58 12.05
CA GLY A 201 -16.33 -20.63 12.62
C GLY A 201 -16.50 -19.60 13.72
N TRP A 202 -17.43 -19.89 14.64
CA TRP A 202 -17.63 -19.00 15.77
C TRP A 202 -18.15 -19.81 16.94
N VAL A 203 -18.03 -19.24 18.14
CA VAL A 203 -18.44 -19.92 19.38
C VAL A 203 -19.30 -18.91 20.14
N GLU A 204 -20.40 -19.41 20.71
CA GLU A 204 -21.25 -18.56 21.50
C GLU A 204 -21.20 -19.12 22.92
N LYS A 205 -20.82 -18.32 23.91
CA LYS A 205 -20.77 -18.81 25.28
C LYS A 205 -21.35 -17.71 26.16
N GLU A 206 -22.24 -18.09 27.10
CA GLU A 206 -22.90 -17.12 27.97
C GLU A 206 -23.56 -16.16 27.01
N THR A 207 -23.30 -14.86 27.13
CA THR A 207 -23.91 -13.91 26.23
C THR A 207 -22.87 -13.32 25.26
N GLU A 208 -21.75 -14.04 25.02
CA GLU A 208 -20.70 -13.49 24.17
C GLU A 208 -20.52 -14.34 22.91
N VAL A 209 -19.85 -13.78 21.90
CA VAL A 209 -19.62 -14.53 20.67
C VAL A 209 -18.20 -14.23 20.26
N TYR A 210 -17.53 -15.24 19.73
CA TYR A 210 -16.15 -15.14 19.28
C TYR A 210 -16.06 -15.72 17.87
N PHE A 211 -15.51 -14.96 16.92
CA PHE A 211 -15.31 -15.48 15.57
C PHE A 211 -13.86 -15.91 15.45
N PHE A 212 -13.63 -16.97 14.65
CA PHE A 212 -12.26 -17.48 14.51
C PHE A 212 -12.02 -18.03 13.11
N ALA A 213 -10.75 -17.97 12.71
CA ALA A 213 -10.32 -18.66 11.50
C ALA A 213 -8.89 -19.09 11.78
N PHE A 214 -8.61 -20.34 11.40
CA PHE A 214 -7.29 -20.93 11.53
C PHE A 214 -6.90 -21.53 10.18
N ASN A 215 -5.62 -21.35 9.79
CA ASN A 215 -5.09 -22.13 8.69
C ASN A 215 -3.65 -22.52 8.99
N MET A 216 -3.18 -23.57 8.30
CA MET A 216 -1.83 -24.02 8.46
C MET A 216 -1.42 -24.78 7.21
N ASP A 217 -0.10 -24.85 7.01
CA ASP A 217 0.45 -25.73 5.98
C ASP A 217 0.35 -27.15 6.50
N ILE A 218 -0.08 -28.09 5.64
CA ILE A 218 -0.17 -29.49 6.02
C ILE A 218 1.01 -30.24 5.39
N ASP A 219 2.07 -30.50 6.16
CA ASP A 219 3.27 -31.18 5.64
C ASP A 219 2.94 -32.62 5.30
N ASN A 220 2.02 -33.24 6.06
CA ASN A 220 1.49 -34.55 5.69
C ASN A 220 0.15 -34.81 6.39
N GLU A 221 -0.47 -35.91 5.99
CA GLU A 221 -1.87 -36.13 6.29
C GLU A 221 -2.05 -36.46 7.77
N SER A 222 -0.96 -36.82 8.46
CA SER A 222 -1.05 -37.22 9.85
C SER A 222 -1.17 -35.97 10.73
N LYS A 223 -0.81 -34.80 10.19
CA LYS A 223 -0.84 -33.52 10.88
C LYS A 223 -2.24 -32.89 10.80
N LEU A 224 -3.14 -33.48 10.01
CA LEU A 224 -4.47 -32.92 9.78
C LEU A 224 -5.18 -32.53 11.09
N PRO A 225 -5.24 -33.36 12.15
CA PRO A 225 -6.04 -32.99 13.32
C PRO A 225 -5.60 -31.69 14.01
N LEU A 226 -4.39 -31.25 13.69
CA LEU A 226 -3.85 -30.04 14.30
C LEU A 226 -4.67 -28.84 13.86
N ARG A 227 -5.39 -28.99 12.76
CA ARG A 227 -6.21 -27.87 12.24
C ARG A 227 -7.32 -27.52 13.26
N LYS A 228 -7.75 -28.49 14.06
CA LYS A 228 -8.74 -28.23 15.11
C LYS A 228 -8.09 -28.11 16.48
N SER A 229 -7.08 -28.95 16.75
CA SER A 229 -6.54 -29.04 18.09
C SER A 229 -5.80 -27.76 18.54
N ILE A 230 -4.97 -27.17 17.66
CA ILE A 230 -4.27 -25.95 17.99
C ILE A 230 -5.28 -24.85 18.29
N PRO A 231 -6.23 -24.48 17.41
CA PRO A 231 -7.19 -23.43 17.78
C PRO A 231 -8.10 -23.78 18.98
N THR A 232 -8.40 -25.07 19.14
CA THR A 232 -9.25 -25.47 20.27
C THR A 232 -8.47 -25.20 21.56
N LYS A 233 -7.19 -25.64 21.62
CA LYS A 233 -6.35 -25.42 22.81
C LYS A 233 -6.30 -23.93 23.12
N ILE A 234 -6.18 -23.10 22.08
CA ILE A 234 -6.06 -21.67 22.33
C ILE A 234 -7.38 -21.15 22.91
N MET A 235 -8.49 -21.57 22.32
CA MET A 235 -9.78 -21.04 22.74
C MET A 235 -10.14 -21.62 24.12
N GLU A 236 -9.70 -22.86 24.39
CA GLU A 236 -9.89 -23.45 25.71
C GLU A 236 -9.15 -22.61 26.76
N SER A 237 -7.90 -22.28 26.45
CA SER A 237 -7.07 -21.51 27.37
CA SER A 237 -7.06 -21.51 27.35
C SER A 237 -7.64 -20.13 27.67
N GLU A 238 -8.41 -19.54 26.75
CA GLU A 238 -8.99 -18.22 26.98
C GLU A 238 -10.37 -18.33 27.59
N GLY A 239 -10.94 -19.54 27.66
CA GLY A 239 -12.21 -19.76 28.33
C GLY A 239 -13.39 -19.80 27.36
N ILE A 240 -13.08 -19.65 26.06
CA ILE A 240 -14.09 -19.47 25.03
C ILE A 240 -14.85 -20.76 24.81
N ILE A 241 -14.12 -21.88 24.80
N ILE A 241 -14.11 -21.88 24.80
CA ILE A 241 -14.79 -23.17 24.74
CA ILE A 241 -14.66 -23.22 24.71
C ILE A 241 -14.42 -23.91 26.02
C ILE A 241 -14.41 -23.90 26.05
N GLY A 242 -15.39 -24.67 26.52
CA GLY A 242 -15.30 -25.35 27.82
C GLY A 242 -16.45 -24.90 28.71
N SER B 1 2.35 17.95 -0.33
CA SER B 1 2.19 16.77 -1.26
C SER B 1 1.95 17.25 -2.70
N ILE B 2 2.34 16.40 -3.68
CA ILE B 2 2.32 16.72 -5.11
C ILE B 2 0.88 16.88 -5.58
N THR B 3 0.63 17.89 -6.43
CA THR B 3 -0.71 18.23 -6.85
CA THR B 3 -0.69 18.30 -6.86
C THR B 3 -0.84 18.01 -8.36
N GLU B 4 -2.04 17.63 -8.80
CA GLU B 4 -2.28 17.40 -10.21
C GLU B 4 -2.77 18.70 -10.85
N ASN B 5 -2.16 19.06 -11.98
CA ASN B 5 -2.50 20.27 -12.79
C ASN B 5 -2.91 19.77 -14.17
N THR B 6 -4.18 19.42 -14.39
CA THR B 6 -4.46 18.80 -15.68
C THR B 6 -4.49 19.85 -16.79
N SER B 7 -4.40 21.13 -16.37
CA SER B 7 -4.16 22.30 -17.22
C SER B 7 -2.86 22.22 -18.05
N TRP B 8 -1.99 21.25 -17.74
CA TRP B 8 -0.79 21.04 -18.55
C TRP B 8 -1.04 20.08 -19.71
N ASN B 9 -2.12 19.28 -19.64
CA ASN B 9 -2.33 18.21 -20.61
C ASN B 9 -2.50 18.76 -22.03
N LYS B 10 -2.92 20.03 -22.07
CA LYS B 10 -3.11 20.77 -23.30
C LYS B 10 -1.85 20.68 -24.15
N GLU B 11 -0.70 20.82 -23.48
CA GLU B 11 0.57 20.81 -24.18
C GLU B 11 0.93 19.44 -24.76
N PHE B 12 0.23 18.36 -24.33
CA PHE B 12 0.56 16.99 -24.69
C PHE B 12 -0.30 16.53 -25.88
N SER B 13 -1.46 17.18 -26.02
CA SER B 13 -2.57 16.72 -26.85
C SER B 13 -2.28 16.90 -28.34
N ALA B 14 -1.68 18.04 -28.73
CA ALA B 14 -1.45 18.35 -30.14
C ALA B 14 -0.66 17.23 -30.81
N GLU B 15 0.35 16.73 -30.10
CA GLU B 15 1.27 15.77 -30.69
C GLU B 15 0.95 14.37 -30.16
N ALA B 16 -0.19 14.26 -29.49
CA ALA B 16 -0.66 13.01 -28.94
C ALA B 16 0.44 12.37 -28.07
N VAL B 17 0.98 13.13 -27.11
CA VAL B 17 2.10 12.58 -26.32
C VAL B 17 1.54 11.96 -25.02
N ASN B 18 1.96 10.71 -24.78
CA ASN B 18 1.78 10.08 -23.47
C ASN B 18 3.02 10.37 -22.61
N GLY B 19 2.87 11.21 -21.59
CA GLY B 19 4.05 11.68 -20.88
C GLY B 19 3.66 12.33 -19.56
N VAL B 20 4.69 12.76 -18.80
CA VAL B 20 4.43 13.37 -17.51
C VAL B 20 5.47 14.46 -17.30
N PHE B 21 5.05 15.53 -16.65
CA PHE B 21 5.98 16.56 -16.24
C PHE B 21 5.78 16.75 -14.75
N VAL B 22 6.90 16.84 -14.01
CA VAL B 22 6.90 17.13 -12.59
C VAL B 22 7.75 18.39 -12.43
N LEU B 23 7.23 19.37 -11.73
CA LEU B 23 7.85 20.69 -11.62
C LEU B 23 7.67 21.13 -10.17
N CYS B 24 8.76 21.46 -9.49
CA CYS B 24 8.67 21.84 -8.09
C CYS B 24 9.37 23.19 -7.85
N LYS B 25 8.74 24.06 -7.05
CA LYS B 25 9.42 25.27 -6.68
C LYS B 25 10.16 25.06 -5.37
N SER B 26 11.43 25.48 -5.33
CA SER B 26 12.23 25.58 -4.11
C SER B 26 12.64 24.24 -3.54
N SER B 27 11.73 23.27 -3.49
CA SER B 27 12.03 21.98 -2.90
C SER B 27 11.03 20.95 -3.44
N SER B 28 11.34 19.66 -3.24
CA SER B 28 10.45 18.60 -3.70
C SER B 28 9.21 18.49 -2.80
N LYS B 29 9.04 19.47 -1.91
CA LYS B 29 7.88 19.52 -1.03
C LYS B 29 6.79 20.39 -1.67
N SER B 30 7.11 21.03 -2.80
CA SER B 30 6.14 21.91 -3.46
C SER B 30 6.09 21.59 -4.95
N CYS B 31 5.44 20.47 -5.31
CA CYS B 31 5.49 19.94 -6.68
C CYS B 31 4.12 19.93 -7.36
N ALA B 32 4.12 19.92 -8.69
CA ALA B 32 2.90 19.68 -9.45
C ALA B 32 3.25 18.78 -10.63
N THR B 33 2.23 18.17 -11.22
CA THR B 33 2.42 17.27 -12.34
C THR B 33 1.10 17.20 -13.11
N ASN B 34 1.17 16.88 -14.41
CA ASN B 34 -0.05 16.70 -15.19
C ASN B 34 -0.65 15.33 -14.91
N ASP B 35 0.10 14.44 -14.21
CA ASP B 35 -0.41 13.06 -14.09
C ASP B 35 0.20 12.38 -12.87
N LEU B 36 -0.54 12.38 -11.76
CA LEU B 36 -0.16 11.75 -10.51
C LEU B 36 0.34 10.31 -10.68
N ALA B 37 -0.36 9.48 -11.47
CA ALA B 37 0.00 8.08 -11.67
C ALA B 37 1.35 8.00 -12.39
N ARG B 38 1.47 8.68 -13.52
CA ARG B 38 2.73 8.54 -14.29
C ARG B 38 3.90 9.19 -13.54
N ALA B 39 3.64 10.26 -12.79
CA ALA B 39 4.69 10.92 -12.02
C ALA B 39 5.51 9.94 -11.19
N SER B 40 4.83 8.91 -10.64
CA SER B 40 5.46 8.02 -9.69
CA SER B 40 5.43 8.01 -9.68
C SER B 40 5.89 6.72 -10.37
N LYS B 41 5.53 6.56 -11.65
CA LYS B 41 5.87 5.35 -12.38
C LYS B 41 7.37 5.34 -12.78
N GLU B 42 8.03 4.17 -12.64
CA GLU B 42 9.47 4.11 -12.84
C GLU B 42 9.77 3.64 -14.26
N TYR B 43 10.70 4.36 -14.92
CA TYR B 43 11.12 4.06 -16.30
C TYR B 43 12.63 3.90 -16.32
N LEU B 44 13.15 3.20 -17.34
CA LEU B 44 14.56 3.06 -17.59
C LEU B 44 15.15 4.46 -17.65
N PRO B 45 16.25 4.76 -16.91
CA PRO B 45 16.83 6.12 -16.93
C PRO B 45 17.59 6.45 -18.22
N ALA B 46 18.07 5.42 -18.94
CA ALA B 46 18.96 5.64 -20.11
C ALA B 46 20.01 6.70 -19.76
N SER B 47 20.24 7.71 -20.66
CA SER B 47 21.38 8.61 -20.51
C SER B 47 21.26 9.51 -19.28
N THR B 48 20.07 9.62 -18.68
CA THR B 48 20.00 10.38 -17.46
C THR B 48 20.85 9.75 -16.34
N PHE B 49 21.14 8.46 -16.47
CA PHE B 49 21.98 7.75 -15.50
C PHE B 49 23.42 8.28 -15.54
N KCX B 50 23.83 9.01 -16.59
CA KCX B 50 25.16 9.62 -16.59
CB KCX B 50 25.48 10.31 -17.92
CG KCX B 50 25.66 9.32 -19.05
CD KCX B 50 26.02 9.96 -20.38
CE KCX B 50 26.30 8.87 -21.41
NZ KCX B 50 25.13 8.04 -21.70
C KCX B 50 25.36 10.56 -15.40
O KCX B 50 26.50 10.83 -15.02
CX KCX B 50 24.88 6.84 -21.05
OQ1 KCX B 50 23.67 6.32 -21.21
OQ2 KCX B 50 25.66 6.30 -20.31
N ILE B 51 24.27 11.11 -14.83
CA ILE B 51 24.41 11.99 -13.67
C ILE B 51 24.94 11.22 -12.44
N PRO B 52 24.22 10.21 -11.89
CA PRO B 52 24.77 9.47 -10.74
C PRO B 52 26.08 8.80 -11.13
N ASN B 53 26.20 8.32 -12.38
CA ASN B 53 27.37 7.55 -12.77
C ASN B 53 28.62 8.44 -12.67
N ALA B 54 28.51 9.68 -13.18
CA ALA B 54 29.62 10.63 -13.12
C ALA B 54 30.01 10.92 -11.67
N ILE B 55 29.04 11.18 -10.79
CA ILE B 55 29.33 11.44 -9.39
C ILE B 55 30.01 10.22 -8.76
N ILE B 56 29.45 9.03 -8.96
CA ILE B 56 30.03 7.79 -8.44
C ILE B 56 31.44 7.58 -9.00
N GLY B 57 31.66 7.85 -10.29
CA GLY B 57 32.99 7.71 -10.88
C GLY B 57 34.00 8.63 -10.20
N LEU B 58 33.58 9.88 -9.94
CA LEU B 58 34.46 10.81 -9.24
C LEU B 58 34.70 10.35 -7.81
N GLU B 59 33.66 9.95 -7.07
CA GLU B 59 33.78 9.61 -5.67
C GLU B 59 34.69 8.39 -5.44
N THR B 60 34.72 7.48 -6.43
CA THR B 60 35.50 6.26 -6.30
C THR B 60 36.92 6.51 -6.80
N GLY B 61 37.12 7.61 -7.53
CA GLY B 61 38.42 7.83 -8.14
C GLY B 61 38.57 7.17 -9.51
N VAL B 62 37.54 6.48 -9.97
CA VAL B 62 37.56 6.03 -11.35
C VAL B 62 37.76 7.20 -12.30
N ILE B 63 37.02 8.30 -12.07
CA ILE B 63 37.24 9.53 -12.80
C ILE B 63 38.23 10.38 -11.97
N LYS B 64 39.37 10.75 -12.57
CA LYS B 64 40.46 11.37 -11.84
CA LYS B 64 40.46 11.38 -11.85
C LYS B 64 40.03 12.73 -11.28
N ASN B 65 39.40 13.56 -12.14
CA ASN B 65 39.02 14.92 -11.84
C ASN B 65 38.25 15.53 -12.99
N GLU B 66 37.84 16.76 -12.69
N GLU B 66 37.85 16.82 -12.84
CA GLU B 66 37.21 17.74 -13.55
CA GLU B 66 37.00 17.47 -13.83
C GLU B 66 37.81 17.70 -14.96
C GLU B 66 37.75 17.72 -15.14
N HIS B 67 39.15 17.59 -15.05
N HIS B 67 39.08 17.58 -15.13
CA HIS B 67 39.86 17.91 -16.28
CA HIS B 67 39.85 17.92 -16.31
C HIS B 67 40.30 16.65 -17.03
C HIS B 67 40.21 16.65 -17.10
N GLN B 68 39.86 15.48 -16.56
CA GLN B 68 40.22 14.24 -17.25
C GLN B 68 39.73 14.28 -18.69
N VAL B 69 40.58 13.88 -19.64
CA VAL B 69 40.14 13.70 -21.02
C VAL B 69 39.94 12.21 -21.24
N PHE B 70 38.80 11.83 -21.84
CA PHE B 70 38.47 10.48 -22.25
C PHE B 70 38.89 10.34 -23.71
N LYS B 71 39.96 9.60 -23.95
CA LYS B 71 40.55 9.51 -25.28
C LYS B 71 39.77 8.51 -26.14
N TRP B 72 39.61 8.84 -27.40
CA TRP B 72 39.03 7.84 -28.28
C TRP B 72 40.17 7.00 -28.84
N ASP B 73 40.01 5.67 -28.85
CA ASP B 73 41.04 4.74 -29.29
C ASP B 73 41.00 4.55 -30.81
N GLY B 74 40.02 5.15 -31.48
CA GLY B 74 39.97 5.08 -32.93
C GLY B 74 38.97 4.03 -33.44
N LYS B 75 38.63 3.08 -32.56
CA LYS B 75 37.72 2.01 -32.91
C LYS B 75 36.31 2.58 -33.09
N PRO B 76 35.56 2.25 -34.17
CA PRO B 76 34.25 2.85 -34.41
C PRO B 76 33.34 2.81 -33.18
N ARG B 77 32.42 3.77 -33.12
CA ARG B 77 31.46 3.87 -32.04
C ARG B 77 30.07 4.00 -32.65
N ALA B 78 29.03 3.82 -31.82
CA ALA B 78 27.65 3.76 -32.28
C ALA B 78 27.27 5.04 -33.01
N MET B 79 27.85 6.17 -32.59
CA MET B 79 27.51 7.48 -33.15
C MET B 79 28.79 8.26 -33.42
N LYS B 80 28.82 8.98 -34.55
CA LYS B 80 30.02 9.65 -35.02
C LYS B 80 30.44 10.75 -34.04
N GLN B 81 29.46 11.39 -33.39
CA GLN B 81 29.74 12.46 -32.44
C GLN B 81 30.47 11.91 -31.21
N TRP B 82 30.49 10.58 -31.01
CA TRP B 82 31.29 10.04 -29.92
C TRP B 82 32.73 9.73 -30.32
N GLU B 83 33.06 9.79 -31.61
CA GLU B 83 34.39 9.37 -32.06
C GLU B 83 35.37 10.54 -31.99
N ARG B 84 35.67 10.98 -30.76
CA ARG B 84 36.63 12.05 -30.56
C ARG B 84 37.02 11.99 -29.09
N ASP B 85 38.10 12.70 -28.71
CA ASP B 85 38.39 12.85 -27.29
C ASP B 85 37.33 13.80 -26.73
N LEU B 86 36.98 13.58 -25.45
CA LEU B 86 35.89 14.29 -24.80
C LEU B 86 36.33 14.59 -23.37
N THR B 87 35.94 15.75 -22.87
CA THR B 87 36.08 16.05 -21.45
C THR B 87 34.92 15.39 -20.71
N LEU B 88 34.85 15.54 -19.39
CA LEU B 88 33.73 14.94 -18.68
C LEU B 88 32.44 15.66 -19.06
N ARG B 89 32.45 17.01 -19.14
CA ARG B 89 31.25 17.73 -19.58
CA ARG B 89 31.28 17.76 -19.60
C ARG B 89 30.88 17.30 -21.00
N GLY B 90 31.87 17.22 -21.89
CA GLY B 90 31.56 16.80 -23.27
C GLY B 90 30.92 15.40 -23.31
N ALA B 91 31.49 14.45 -22.55
CA ALA B 91 30.97 13.07 -22.57
C ALA B 91 29.52 12.99 -22.06
N ILE B 92 29.21 13.77 -21.03
CA ILE B 92 27.85 13.85 -20.50
C ILE B 92 26.93 14.49 -21.55
N GLN B 93 27.34 15.63 -22.11
CA GLN B 93 26.48 16.45 -22.96
C GLN B 93 26.28 15.82 -24.34
N VAL B 94 27.25 15.07 -24.86
CA VAL B 94 26.94 14.37 -26.11
C VAL B 94 26.40 12.97 -25.83
N SER B 95 26.27 12.65 -24.55
CA SER B 95 25.83 11.33 -24.09
C SER B 95 26.67 10.18 -24.65
N ALA B 96 28.00 10.24 -24.50
CA ALA B 96 28.93 9.22 -25.00
C ALA B 96 28.87 7.97 -24.11
N VAL B 97 27.94 7.10 -24.42
CA VAL B 97 27.69 5.85 -23.72
C VAL B 97 28.96 5.04 -23.47
N PRO B 98 29.79 4.76 -24.46
CA PRO B 98 30.96 3.91 -24.28
C PRO B 98 31.88 4.44 -23.19
N VAL B 99 31.94 5.78 -23.04
CA VAL B 99 32.77 6.35 -21.99
C VAL B 99 32.19 5.95 -20.63
N PHE B 100 30.87 6.00 -20.49
CA PHE B 100 30.25 5.71 -19.20
C PHE B 100 30.10 4.20 -18.98
N GLN B 101 30.04 3.43 -20.05
CA GLN B 101 30.17 1.98 -19.91
C GLN B 101 31.50 1.60 -19.27
N GLN B 102 32.60 2.21 -19.74
CA GLN B 102 33.92 1.94 -19.19
C GLN B 102 33.97 2.42 -17.73
N ILE B 103 33.39 3.59 -17.46
CA ILE B 103 33.36 4.09 -16.07
C ILE B 103 32.62 3.07 -15.21
N ALA B 104 31.48 2.56 -15.72
CA ALA B 104 30.70 1.61 -14.92
C ALA B 104 31.45 0.33 -14.57
N ARG B 105 32.15 -0.23 -15.55
CA ARG B 105 32.94 -1.45 -15.33
C ARG B 105 33.99 -1.20 -14.25
N GLU B 106 34.59 -0.01 -14.23
CA GLU B 106 35.69 0.27 -13.32
C GLU B 106 35.16 0.53 -11.90
N VAL B 107 33.95 1.07 -11.82
CA VAL B 107 33.27 1.22 -10.55
C VAL B 107 32.94 -0.16 -9.98
N GLY B 108 32.32 -1.00 -10.81
CA GLY B 108 32.00 -2.38 -10.45
C GLY B 108 30.67 -2.49 -9.68
N GLU B 109 30.15 -3.71 -9.67
CA GLU B 109 28.83 -3.99 -9.14
C GLU B 109 28.68 -3.62 -7.67
N VAL B 110 29.62 -4.05 -6.82
CA VAL B 110 29.44 -3.89 -5.37
C VAL B 110 29.41 -2.38 -5.04
N ARG B 111 30.31 -1.60 -5.64
CA ARG B 111 30.28 -0.18 -5.33
C ARG B 111 29.06 0.46 -6.00
N MET B 112 28.76 0.07 -7.23
CA MET B 112 27.60 0.68 -7.88
C MET B 112 26.33 0.48 -7.05
N GLN B 113 26.09 -0.76 -6.60
CA GLN B 113 24.91 -1.04 -5.81
C GLN B 113 24.82 -0.18 -4.55
N LYS B 114 25.94 -0.10 -3.81
CA LYS B 114 25.98 0.72 -2.61
C LYS B 114 25.64 2.18 -2.93
N TYR B 115 26.27 2.78 -3.96
CA TYR B 115 25.98 4.18 -4.21
C TYR B 115 24.52 4.40 -4.64
N LEU B 116 23.90 3.48 -5.39
CA LEU B 116 22.51 3.78 -5.75
C LEU B 116 21.62 3.67 -4.52
N LYS B 117 22.03 2.83 -3.54
CA LYS B 117 21.33 2.79 -2.27
C LYS B 117 21.52 4.13 -1.53
N LYS B 118 22.77 4.65 -1.51
CA LYS B 118 22.97 5.89 -0.76
C LYS B 118 22.22 7.03 -1.46
N PHE B 119 22.11 6.99 -2.80
CA PHE B 119 21.43 8.06 -3.51
C PHE B 119 19.90 7.85 -3.60
N SER B 120 19.38 6.74 -3.04
CA SER B 120 17.98 6.35 -3.18
C SER B 120 17.53 6.43 -4.64
N TYR B 121 18.27 5.79 -5.54
CA TYR B 121 18.07 5.97 -6.97
C TYR B 121 17.11 4.90 -7.53
N GLY B 122 15.81 5.23 -7.62
CA GLY B 122 14.81 4.38 -8.24
C GLY B 122 14.75 3.02 -7.55
N ASN B 123 14.58 1.97 -8.34
CA ASN B 123 14.44 0.61 -7.84
C ASN B 123 15.78 -0.04 -7.50
N GLN B 124 16.92 0.61 -7.84
CA GLN B 124 18.26 0.26 -7.40
C GLN B 124 18.61 -1.13 -7.96
N ASN B 125 18.01 -1.47 -9.10
CA ASN B 125 18.20 -2.78 -9.67
C ASN B 125 19.27 -2.69 -10.75
N ILE B 126 20.48 -3.19 -10.48
CA ILE B 126 21.52 -3.03 -11.47
C ILE B 126 21.80 -4.35 -12.16
N SER B 127 20.87 -5.33 -12.05
CA SER B 127 21.07 -6.58 -12.75
C SER B 127 21.04 -6.33 -14.26
N GLY B 128 21.73 -7.21 -14.98
CA GLY B 128 21.68 -7.25 -16.44
C GLY B 128 23.05 -6.94 -17.03
N GLY B 129 24.06 -6.89 -16.16
CA GLY B 129 25.40 -6.52 -16.63
C GLY B 129 25.76 -5.08 -16.26
N ILE B 130 26.95 -4.96 -15.66
CA ILE B 130 27.42 -3.75 -15.03
C ILE B 130 27.45 -2.62 -16.06
N ASP B 131 27.56 -2.94 -17.36
CA ASP B 131 27.74 -1.87 -18.35
C ASP B 131 26.47 -1.68 -19.20
N LYS B 132 25.34 -2.28 -18.78
CA LYS B 132 24.12 -2.28 -19.58
C LYS B 132 22.86 -1.96 -18.74
N PHE B 133 22.94 -1.93 -17.41
CA PHE B 133 21.74 -1.97 -16.58
C PHE B 133 20.82 -0.76 -16.80
N TRP B 134 21.39 0.39 -17.16
CA TRP B 134 20.60 1.60 -17.25
C TRP B 134 20.14 1.79 -18.70
N LEU B 135 20.61 0.92 -19.58
CA LEU B 135 20.34 0.95 -21.01
C LEU B 135 19.30 -0.09 -21.43
N GLU B 136 19.41 -1.30 -20.87
CA GLU B 136 18.56 -2.40 -21.28
C GLU B 136 18.30 -3.40 -20.15
N GLY B 137 18.85 -3.14 -18.95
CA GLY B 137 18.60 -3.91 -17.74
C GLY B 137 17.34 -3.43 -17.00
N GLN B 138 17.34 -3.65 -15.68
CA GLN B 138 16.10 -3.60 -14.91
C GLN B 138 16.01 -2.33 -14.05
N LEU B 139 17.03 -1.45 -14.13
CA LEU B 139 16.99 -0.22 -13.35
C LEU B 139 15.84 0.63 -13.88
N ARG B 140 15.09 1.24 -12.95
CA ARG B 140 13.92 2.05 -13.24
C ARG B 140 13.82 3.15 -12.18
N ILE B 141 13.45 4.38 -12.62
CA ILE B 141 13.28 5.50 -11.71
C ILE B 141 12.12 6.36 -12.22
N SER B 142 11.39 6.98 -11.30
CA SER B 142 10.26 7.85 -11.63
C SER B 142 10.72 9.31 -11.79
N ALA B 143 9.87 10.10 -12.46
CA ALA B 143 10.05 11.53 -12.55
C ALA B 143 10.15 12.15 -11.18
N VAL B 144 9.33 11.71 -10.21
CA VAL B 144 9.45 12.28 -8.86
C VAL B 144 10.81 11.98 -8.21
N ASN B 145 11.28 10.74 -8.34
CA ASN B 145 12.59 10.33 -7.82
C ASN B 145 13.73 11.13 -8.44
N GLN B 146 13.65 11.36 -9.77
CA GLN B 146 14.67 12.17 -10.42
C GLN B 146 14.65 13.57 -9.83
N VAL B 147 13.48 14.14 -9.62
CA VAL B 147 13.46 15.46 -8.97
C VAL B 147 14.13 15.44 -7.60
N GLU B 148 13.81 14.44 -6.79
CA GLU B 148 14.36 14.33 -5.45
C GLU B 148 15.88 14.24 -5.49
N PHE B 149 16.42 13.45 -6.44
CA PHE B 149 17.85 13.20 -6.57
C PHE B 149 18.53 14.48 -7.07
N LEU B 150 17.90 15.19 -8.02
CA LEU B 150 18.47 16.45 -8.53
C LEU B 150 18.50 17.53 -7.44
N GLU B 151 17.46 17.56 -6.60
CA GLU B 151 17.39 18.50 -5.50
C GLU B 151 18.55 18.28 -4.54
N SER B 152 18.82 17.00 -4.21
CA SER B 152 19.96 16.70 -3.35
C SER B 152 21.26 17.23 -3.94
N LEU B 153 21.50 16.94 -5.23
CA LEU B 153 22.67 17.38 -5.99
C LEU B 153 22.77 18.89 -5.84
N TYR B 154 21.66 19.59 -6.17
CA TYR B 154 21.61 21.04 -6.13
C TYR B 154 22.13 21.54 -4.78
N LEU B 155 21.70 20.88 -3.70
CA LEU B 155 21.96 21.35 -2.34
C LEU B 155 23.26 20.83 -1.77
N ASN B 156 24.05 20.08 -2.56
CA ASN B 156 25.23 19.31 -2.19
C ASN B 156 24.91 18.36 -1.05
N LYS B 157 23.71 17.79 -1.07
CA LYS B 157 23.26 16.91 -0.01
C LYS B 157 23.35 15.41 -0.36
N LEU B 158 23.82 15.04 -1.56
CA LEU B 158 24.07 13.61 -1.84
C LEU B 158 25.23 13.13 -0.97
N SER B 159 25.32 11.82 -0.70
CA SER B 159 26.49 11.24 -0.08
C SER B 159 27.64 11.15 -1.07
N ALA B 160 28.29 12.30 -1.23
CA ALA B 160 29.43 12.50 -2.08
C ALA B 160 30.06 13.82 -1.65
N SER B 161 31.34 14.05 -1.94
CA SER B 161 31.92 15.34 -1.58
C SER B 161 31.20 16.50 -2.27
N LYS B 162 31.25 17.68 -1.64
CA LYS B 162 30.71 18.91 -2.23
C LYS B 162 31.44 19.21 -3.53
N GLU B 163 32.75 18.93 -3.56
CA GLU B 163 33.58 19.21 -4.71
C GLU B 163 33.12 18.38 -5.92
N ASN B 164 32.88 17.09 -5.69
CA ASN B 164 32.48 16.19 -6.74
C ASN B 164 31.08 16.56 -7.24
N GLN B 165 30.18 16.94 -6.32
CA GLN B 165 28.84 17.43 -6.68
C GLN B 165 28.94 18.71 -7.52
N LEU B 166 29.81 19.65 -7.09
CA LEU B 166 30.03 20.84 -7.88
C LEU B 166 30.62 20.49 -9.26
N ILE B 167 31.51 19.48 -9.36
CA ILE B 167 32.09 19.17 -10.65
C ILE B 167 30.95 18.79 -11.61
N VAL B 168 30.06 17.93 -11.09
CA VAL B 168 29.01 17.42 -11.96
C VAL B 168 27.99 18.51 -12.28
N LYS B 169 27.74 19.40 -11.33
CA LYS B 169 26.81 20.52 -11.58
C LYS B 169 27.28 21.38 -12.74
N GLU B 170 28.58 21.73 -12.77
CA GLU B 170 29.04 22.53 -13.92
C GLU B 170 28.86 21.80 -15.25
N ALA B 171 29.08 20.50 -15.25
CA ALA B 171 29.04 19.67 -16.43
C ALA B 171 27.59 19.53 -16.89
N LEU B 172 26.61 19.87 -16.05
CA LEU B 172 25.20 19.84 -16.44
C LEU B 172 24.64 21.19 -16.93
N VAL B 173 25.43 22.28 -16.82
CA VAL B 173 24.92 23.55 -17.36
C VAL B 173 24.63 23.39 -18.86
N THR B 174 23.42 23.81 -19.29
CA THR B 174 23.02 23.69 -20.68
C THR B 174 22.53 25.03 -21.25
N GLU B 175 22.05 25.94 -20.41
CA GLU B 175 21.66 27.24 -20.93
C GLU B 175 22.09 28.26 -19.91
N ALA B 176 22.87 29.25 -20.37
CA ALA B 176 23.32 30.30 -19.49
C ALA B 176 22.80 31.62 -20.05
N ALA B 177 21.83 32.21 -19.39
CA ALA B 177 21.28 33.46 -19.88
C ALA B 177 21.60 34.49 -18.81
N PRO B 178 21.54 35.80 -19.08
CA PRO B 178 21.87 36.75 -18.04
C PRO B 178 20.77 36.70 -16.96
N GLU B 179 19.54 36.28 -17.35
CA GLU B 179 18.37 36.18 -16.47
C GLU B 179 18.22 34.84 -15.74
N TYR B 180 18.69 33.73 -16.32
CA TYR B 180 18.42 32.45 -15.67
C TYR B 180 19.50 31.45 -16.09
N LEU B 181 19.59 30.33 -15.39
CA LEU B 181 20.63 29.35 -15.70
C LEU B 181 19.92 27.99 -15.70
N VAL B 182 20.18 27.16 -16.73
CA VAL B 182 19.55 25.85 -16.73
C VAL B 182 20.64 24.78 -16.58
N HIS B 183 20.41 23.83 -15.66
CA HIS B 183 21.12 22.55 -15.64
C HIS B 183 20.18 21.44 -16.11
N SER B 184 20.66 20.55 -17.00
CA SER B 184 19.69 19.58 -17.54
C SER B 184 20.39 18.40 -18.22
N LYS B 185 19.63 17.29 -18.41
CA LYS B 185 20.20 16.14 -19.09
C LYS B 185 19.04 15.47 -19.84
N THR B 186 19.24 15.15 -21.11
CA THR B 186 18.25 14.42 -21.90
C THR B 186 18.51 12.92 -21.78
N GLY B 187 17.49 12.12 -22.18
CA GLY B 187 17.75 10.71 -22.42
C GLY B 187 16.75 10.14 -23.41
N TRP B 188 17.18 9.10 -24.11
CA TRP B 188 16.30 8.33 -24.98
C TRP B 188 16.62 6.87 -24.76
N GLY B 189 15.75 6.16 -24.04
CA GLY B 189 15.90 4.73 -23.82
C GLY B 189 15.31 3.91 -24.96
N MET B 190 16.17 3.40 -25.87
CA MET B 190 15.67 2.63 -27.00
C MET B 190 15.54 1.15 -26.64
N GLY B 191 16.26 0.73 -25.59
CA GLY B 191 16.30 -0.67 -25.18
C GLY B 191 15.10 -1.10 -24.33
N VAL B 192 14.04 -0.29 -24.28
CA VAL B 192 12.79 -0.73 -23.68
C VAL B 192 11.67 -0.41 -24.66
N THR B 193 10.48 -0.99 -24.43
CA THR B 193 9.31 -0.70 -25.24
C THR B 193 8.14 -0.45 -24.29
N PRO B 194 7.36 0.64 -24.46
CA PRO B 194 7.70 1.68 -25.45
C PRO B 194 9.03 2.33 -25.06
N GLN B 195 9.68 2.94 -26.06
CA GLN B 195 10.86 3.75 -25.81
C GLN B 195 10.54 4.96 -24.93
N VAL B 196 11.54 5.39 -24.16
CA VAL B 196 11.24 6.42 -23.20
C VAL B 196 12.12 7.62 -23.52
N GLY B 197 11.56 8.83 -23.41
CA GLY B 197 12.41 10.00 -23.62
C GLY B 197 12.37 10.82 -22.34
N TRP B 198 13.52 11.41 -21.96
CA TRP B 198 13.63 12.11 -20.70
C TRP B 198 14.20 13.51 -20.96
N TRP B 199 13.85 14.44 -20.07
CA TRP B 199 14.60 15.67 -19.83
C TRP B 199 14.43 16.03 -18.38
N VAL B 200 15.55 16.13 -17.67
CA VAL B 200 15.47 16.41 -16.25
C VAL B 200 16.46 17.51 -15.94
N GLY B 201 16.25 18.24 -14.84
CA GLY B 201 17.19 19.28 -14.45
C GLY B 201 16.59 20.29 -13.48
N TRP B 202 17.21 21.48 -13.46
CA TRP B 202 16.63 22.54 -12.65
C TRP B 202 16.90 23.88 -13.32
N VAL B 203 16.17 24.91 -12.89
CA VAL B 203 16.32 26.25 -13.45
C VAL B 203 16.49 27.19 -12.26
N GLU B 204 17.44 28.13 -12.40
CA GLU B 204 17.59 29.15 -11.39
C GLU B 204 17.24 30.49 -12.05
N LYS B 205 16.26 31.23 -11.47
CA LYS B 205 15.88 32.52 -12.05
C LYS B 205 15.63 33.45 -10.88
N GLU B 206 16.21 34.67 -10.93
CA GLU B 206 16.13 35.65 -9.85
C GLU B 206 16.71 34.95 -8.62
N THR B 207 15.97 34.89 -7.52
CA THR B 207 16.49 34.17 -6.40
C THR B 207 15.70 32.88 -6.15
N GLU B 208 15.10 32.31 -7.20
CA GLU B 208 14.31 31.09 -7.01
C GLU B 208 14.89 29.93 -7.81
N VAL B 209 14.50 28.70 -7.44
CA VAL B 209 15.02 27.52 -8.12
C VAL B 209 13.81 26.61 -8.33
N TYR B 210 13.77 25.99 -9.50
CA TYR B 210 12.72 25.03 -9.85
C TYR B 210 13.36 23.73 -10.34
N PHE B 211 12.94 22.58 -9.75
CA PHE B 211 13.38 21.26 -10.20
C PHE B 211 12.34 20.70 -11.16
N PHE B 212 12.80 20.01 -12.22
CA PHE B 212 11.81 19.44 -13.12
C PHE B 212 12.28 18.07 -13.59
N ALA B 213 11.30 17.24 -13.96
CA ALA B 213 11.65 16.04 -14.69
C ALA B 213 10.47 15.76 -15.60
N PHE B 214 10.81 15.38 -16.84
CA PHE B 214 9.85 15.06 -17.89
C PHE B 214 10.16 13.70 -18.49
N ASN B 215 9.13 12.88 -18.75
CA ASN B 215 9.41 11.70 -19.57
C ASN B 215 8.20 11.44 -20.47
N MET B 216 8.40 10.74 -21.58
CA MET B 216 7.28 10.46 -22.46
C MET B 216 7.60 9.20 -23.23
N ASP B 217 6.55 8.56 -23.77
CA ASP B 217 6.76 7.50 -24.75
C ASP B 217 7.22 8.13 -26.06
N ILE B 218 8.26 7.56 -26.68
CA ILE B 218 8.73 7.99 -27.99
C ILE B 218 8.12 7.05 -29.04
N ASP B 219 7.07 7.52 -29.74
CA ASP B 219 6.38 6.68 -30.73
C ASP B 219 7.21 6.54 -32.00
N ASN B 220 7.96 7.60 -32.36
CA ASN B 220 8.96 7.50 -33.41
C ASN B 220 10.04 8.59 -33.24
N GLU B 221 11.13 8.45 -33.97
CA GLU B 221 12.33 9.25 -33.80
C GLU B 221 12.06 10.74 -34.00
N SER B 222 11.03 11.02 -34.83
CA SER B 222 10.69 12.37 -35.23
C SER B 222 10.17 13.14 -34.03
N LYS B 223 9.67 12.42 -33.02
CA LYS B 223 8.98 13.01 -31.87
C LYS B 223 9.98 13.42 -30.79
N LEU B 224 11.22 12.97 -30.94
CA LEU B 224 12.26 13.26 -29.95
C LEU B 224 12.28 14.74 -29.45
N PRO B 225 12.24 15.78 -30.31
CA PRO B 225 12.31 17.16 -29.78
C PRO B 225 11.25 17.54 -28.75
N LEU B 226 10.16 16.79 -28.74
CA LEU B 226 9.07 17.06 -27.81
C LEU B 226 9.54 16.87 -26.37
N ARG B 227 10.62 16.07 -26.18
CA ARG B 227 11.16 15.82 -24.85
C ARG B 227 11.55 17.13 -24.17
N LYS B 228 12.08 18.11 -24.92
CA LYS B 228 12.44 19.41 -24.34
C LYS B 228 11.37 20.47 -24.62
N SER B 229 10.68 20.40 -25.77
CA SER B 229 9.77 21.49 -26.16
C SER B 229 8.49 21.54 -25.32
N ILE B 230 7.91 20.36 -24.98
CA ILE B 230 6.73 20.38 -24.13
C ILE B 230 7.05 20.95 -22.74
N PRO B 231 8.03 20.41 -21.98
CA PRO B 231 8.37 21.02 -20.69
C PRO B 231 8.87 22.48 -20.78
N THR B 232 9.55 22.82 -21.88
CA THR B 232 10.02 24.21 -22.00
C THR B 232 8.80 25.12 -22.11
N LYS B 233 7.80 24.71 -22.89
CA LYS B 233 6.66 25.60 -23.11
C LYS B 233 5.93 25.76 -21.79
N ILE B 234 5.89 24.70 -20.96
CA ILE B 234 5.18 24.78 -19.69
C ILE B 234 5.96 25.75 -18.80
N MET B 235 7.28 25.58 -18.77
CA MET B 235 8.05 26.40 -17.86
C MET B 235 8.07 27.85 -18.35
N GLU B 236 8.11 28.03 -19.68
CA GLU B 236 8.01 29.39 -20.22
C GLU B 236 6.68 30.00 -19.81
N SER B 237 5.60 29.23 -19.92
CA SER B 237 4.28 29.71 -19.57
C SER B 237 4.17 30.18 -18.12
N GLU B 238 4.89 29.54 -17.19
CA GLU B 238 4.84 29.89 -15.78
C GLU B 238 5.82 31.02 -15.46
N GLY B 239 6.74 31.36 -16.39
CA GLY B 239 7.74 32.41 -16.19
C GLY B 239 9.09 31.91 -15.66
N ILE B 240 9.28 30.59 -15.61
CA ILE B 240 10.44 29.99 -14.98
C ILE B 240 11.62 30.11 -15.93
N ILE B 241 11.37 29.88 -17.22
CA ILE B 241 12.37 30.04 -18.26
C ILE B 241 11.92 31.25 -19.07
N GLY B 242 12.87 32.13 -19.34
CA GLY B 242 12.61 33.36 -20.06
C GLY B 242 13.08 34.53 -19.21
N GLY B 243 13.64 35.55 -19.89
CA GLY B 243 13.91 36.82 -19.25
C GLY B 243 12.63 37.67 -19.20
N SER C 1 57.44 32.70 -24.57
CA SER C 1 57.42 34.18 -24.78
C SER C 1 56.19 34.53 -25.61
N ILE C 2 55.33 35.40 -25.04
CA ILE C 2 54.22 36.01 -25.77
C ILE C 2 54.73 36.53 -27.12
N THR C 3 53.98 36.25 -28.21
CA THR C 3 54.34 36.74 -29.53
C THR C 3 53.37 37.86 -29.90
N GLU C 4 53.79 38.72 -30.82
CA GLU C 4 52.94 39.79 -31.28
C GLU C 4 52.33 39.44 -32.65
N ASN C 5 51.03 39.64 -32.79
CA ASN C 5 50.30 39.40 -34.05
C ASN C 5 49.77 40.76 -34.48
N THR C 6 50.52 41.46 -35.31
CA THR C 6 50.19 42.83 -35.62
C THR C 6 48.91 42.91 -36.45
N SER C 7 48.54 41.84 -37.18
CA SER C 7 47.34 41.89 -38.02
C SER C 7 46.09 42.06 -37.15
N TRP C 8 46.12 41.57 -35.89
CA TRP C 8 44.96 41.70 -35.02
C TRP C 8 44.59 43.17 -34.85
N ASN C 9 45.58 44.07 -35.06
CA ASN C 9 45.30 45.50 -34.93
C ASN C 9 44.17 45.99 -35.84
N LYS C 10 43.89 45.28 -36.94
CA LYS C 10 42.87 45.80 -37.84
C LYS C 10 41.50 45.86 -37.16
N GLU C 11 41.29 44.97 -36.18
CA GLU C 11 40.01 44.91 -35.51
C GLU C 11 39.83 46.11 -34.59
N PHE C 12 40.94 46.74 -34.14
CA PHE C 12 40.84 47.93 -33.28
C PHE C 12 40.61 49.18 -34.14
N SER C 13 41.48 49.35 -35.15
CA SER C 13 41.37 50.48 -36.05
C SER C 13 40.01 50.51 -36.79
N ALA C 14 39.43 49.33 -37.09
CA ALA C 14 38.12 49.22 -37.73
C ALA C 14 37.07 49.95 -36.89
N GLU C 15 37.34 50.08 -35.59
CA GLU C 15 36.32 50.59 -34.66
C GLU C 15 36.82 51.86 -33.98
N ALA C 16 37.96 52.39 -34.42
CA ALA C 16 38.49 53.66 -33.92
C ALA C 16 38.81 53.63 -32.42
N VAL C 17 39.41 52.54 -31.94
CA VAL C 17 39.73 52.43 -30.53
C VAL C 17 41.16 51.93 -30.35
N ASN C 18 41.70 52.22 -29.16
CA ASN C 18 43.01 51.81 -28.71
C ASN C 18 42.79 50.67 -27.71
N GLY C 19 43.55 49.58 -27.81
CA GLY C 19 43.39 48.52 -26.82
C GLY C 19 44.33 47.36 -27.04
N VAL C 20 44.13 46.31 -26.22
CA VAL C 20 44.97 45.13 -26.33
C VAL C 20 44.08 43.90 -26.20
N PHE C 21 44.47 42.83 -26.92
CA PHE C 21 43.92 41.51 -26.66
C PHE C 21 45.07 40.57 -26.39
N VAL C 22 44.95 39.72 -25.37
CA VAL C 22 45.91 38.65 -25.11
C VAL C 22 45.16 37.33 -25.20
N LEU C 23 45.72 36.31 -25.88
CA LEU C 23 45.00 35.08 -26.15
C LEU C 23 46.01 33.93 -26.09
N CYS C 24 45.73 32.94 -25.25
CA CYS C 24 46.69 31.89 -24.92
C CYS C 24 45.99 30.56 -25.13
N LYS C 25 46.63 29.67 -25.88
CA LYS C 25 46.10 28.33 -26.10
C LYS C 25 46.76 27.38 -25.11
N SER C 26 45.94 26.58 -24.41
CA SER C 26 46.37 25.53 -23.48
C SER C 26 46.87 26.08 -22.14
N SER C 27 47.80 27.03 -22.18
CA SER C 27 48.41 27.57 -20.97
C SER C 27 48.91 28.99 -21.22
N SER C 28 49.30 29.67 -20.15
CA SER C 28 49.82 31.03 -20.29
C SER C 28 51.25 31.00 -20.83
N LYS C 29 51.76 29.82 -21.21
CA LYS C 29 53.09 29.79 -21.81
C LYS C 29 53.00 29.93 -23.34
N SER C 30 51.80 29.95 -23.90
CA SER C 30 51.75 30.18 -25.34
C SER C 30 50.67 31.21 -25.66
N CYS C 31 51.09 32.47 -25.67
CA CYS C 31 50.17 33.59 -25.77
C CYS C 31 50.56 34.45 -26.96
N ALA C 32 49.58 35.20 -27.48
CA ALA C 32 49.82 36.15 -28.55
C ALA C 32 48.99 37.39 -28.22
N THR C 33 49.42 38.55 -28.73
CA THR C 33 48.74 39.80 -28.47
C THR C 33 48.94 40.70 -29.68
N ASN C 34 48.05 41.69 -29.84
CA ASN C 34 48.27 42.67 -30.90
C ASN C 34 49.32 43.72 -30.54
N ASP C 35 49.59 43.88 -29.23
CA ASP C 35 50.48 44.94 -28.78
C ASP C 35 51.27 44.47 -27.56
N LEU C 36 52.57 44.14 -27.72
CA LEU C 36 53.38 43.64 -26.62
C LEU C 36 53.43 44.62 -25.43
N ALA C 37 53.49 45.92 -25.67
CA ALA C 37 53.61 46.83 -24.55
C ALA C 37 52.30 46.88 -23.77
N ARG C 38 51.17 47.04 -24.47
CA ARG C 38 49.92 47.25 -23.76
C ARG C 38 49.51 45.96 -23.04
N ALA C 39 49.95 44.82 -23.58
CA ALA C 39 49.67 43.52 -22.95
C ALA C 39 50.12 43.51 -21.49
N SER C 40 51.23 44.17 -21.18
CA SER C 40 51.78 44.17 -19.84
CA SER C 40 51.76 44.15 -19.83
C SER C 40 51.42 45.44 -19.05
N LYS C 41 50.75 46.40 -19.68
CA LYS C 41 50.41 47.60 -18.92
C LYS C 41 49.27 47.32 -17.94
N GLU C 42 49.35 47.91 -16.74
CA GLU C 42 48.36 47.65 -15.68
C GLU C 42 47.26 48.71 -15.69
N TYR C 43 45.98 48.25 -15.63
CA TYR C 43 44.86 49.16 -15.69
C TYR C 43 43.93 48.85 -14.51
N LEU C 44 43.02 49.79 -14.20
CA LEU C 44 42.15 49.60 -13.06
C LEU C 44 41.27 48.42 -13.44
N PRO C 45 41.11 47.39 -12.57
CA PRO C 45 40.26 46.24 -12.91
C PRO C 45 38.75 46.46 -13.07
N ALA C 46 38.19 47.45 -12.35
CA ALA C 46 36.74 47.71 -12.34
C ALA C 46 36.04 46.39 -12.01
N SER C 47 34.99 46.07 -12.77
CA SER C 47 34.09 44.98 -12.39
C SER C 47 34.75 43.61 -12.56
N THR C 48 35.87 43.56 -13.26
CA THR C 48 36.59 42.29 -13.35
C THR C 48 37.07 41.88 -11.95
N PHE C 49 37.11 42.84 -11.03
CA PHE C 49 37.56 42.54 -9.67
C PHE C 49 36.56 41.64 -8.94
N KCX C 50 35.34 41.58 -9.47
CA KCX C 50 34.37 40.69 -8.85
CB KCX C 50 32.95 40.87 -9.41
CG KCX C 50 32.37 42.27 -9.19
CD KCX C 50 30.94 42.41 -9.72
CE KCX C 50 30.41 43.80 -9.32
NZ KCX C 50 31.24 44.91 -9.80
C KCX C 50 34.83 39.22 -8.84
O KCX C 50 34.36 38.49 -7.97
CX KCX C 50 32.12 45.57 -8.97
OQ1 KCX C 50 32.29 45.36 -7.79
OQ2 KCX C 50 32.79 46.52 -9.58
N ILE C 51 35.73 38.81 -9.74
CA ILE C 51 36.21 37.43 -9.70
C ILE C 51 37.01 37.16 -8.39
N PRO C 52 38.16 37.82 -8.13
CA PRO C 52 38.87 37.60 -6.86
C PRO C 52 38.00 37.93 -5.64
N ASN C 53 37.16 38.98 -5.71
CA ASN C 53 36.34 39.43 -4.59
C ASN C 53 35.40 38.30 -4.16
N ALA C 54 34.78 37.65 -5.16
CA ALA C 54 33.86 36.55 -4.91
C ALA C 54 34.58 35.38 -4.24
N ILE C 55 35.75 35.01 -4.78
CA ILE C 55 36.56 33.94 -4.19
C ILE C 55 36.96 34.27 -2.75
N ILE C 56 37.42 35.52 -2.55
CA ILE C 56 37.85 35.98 -1.24
C ILE C 56 36.66 35.98 -0.28
N GLY C 57 35.49 36.46 -0.75
CA GLY C 57 34.28 36.41 0.07
C GLY C 57 33.87 35.02 0.53
N LEU C 58 34.01 34.01 -0.33
CA LEU C 58 33.72 32.65 0.06
C LEU C 58 34.80 32.12 1.03
N GLU C 59 36.07 32.28 0.67
CA GLU C 59 37.17 31.81 1.49
C GLU C 59 37.05 32.25 2.95
N THR C 60 36.74 33.53 3.17
CA THR C 60 36.71 34.18 4.48
C THR C 60 35.36 33.94 5.15
N GLY C 61 34.39 33.40 4.39
CA GLY C 61 33.14 33.05 5.01
C GLY C 61 32.13 34.20 5.00
N VAL C 62 32.57 35.39 4.54
CA VAL C 62 31.69 36.51 4.33
C VAL C 62 30.51 36.10 3.44
N ILE C 63 30.78 35.40 2.33
CA ILE C 63 29.77 34.74 1.55
C ILE C 63 29.62 33.33 2.10
N LYS C 64 28.41 32.98 2.58
CA LYS C 64 28.19 31.78 3.38
C LYS C 64 28.44 30.52 2.57
N ASN C 65 27.92 30.51 1.36
CA ASN C 65 28.00 29.35 0.47
C ASN C 65 27.41 29.76 -0.87
N GLU C 66 27.31 28.81 -1.81
CA GLU C 66 26.96 29.15 -3.17
C GLU C 66 25.51 29.66 -3.27
N HIS C 67 24.71 29.42 -2.22
CA HIS C 67 23.26 29.65 -2.24
C HIS C 67 22.89 30.98 -1.61
N GLN C 68 23.89 31.71 -1.10
CA GLN C 68 23.74 33.01 -0.47
C GLN C 68 22.86 33.96 -1.31
N VAL C 69 21.88 34.57 -0.66
CA VAL C 69 21.12 35.65 -1.29
C VAL C 69 21.51 36.99 -0.67
N PHE C 70 21.84 37.95 -1.54
CA PHE C 70 22.21 39.31 -1.18
C PHE C 70 20.94 40.15 -1.22
N LYS C 71 20.36 40.40 -0.05
CA LYS C 71 19.05 41.05 0.02
C LYS C 71 19.21 42.54 -0.23
N TRP C 72 18.29 43.08 -1.06
CA TRP C 72 18.23 44.51 -1.25
C TRP C 72 17.46 45.17 -0.11
N ASP C 73 18.07 46.20 0.51
CA ASP C 73 17.48 46.92 1.65
C ASP C 73 16.49 47.99 1.21
N GLY C 74 16.19 48.11 -0.09
CA GLY C 74 15.22 49.10 -0.52
C GLY C 74 15.80 50.49 -0.80
N LYS C 75 16.93 50.84 -0.17
CA LYS C 75 17.61 52.11 -0.42
C LYS C 75 18.09 52.20 -1.87
N PRO C 76 17.87 53.36 -2.54
CA PRO C 76 18.22 53.53 -3.96
C PRO C 76 19.66 53.22 -4.36
N ARG C 77 19.81 52.64 -5.55
CA ARG C 77 21.13 52.19 -6.00
C ARG C 77 21.40 52.85 -7.34
N ALA C 78 22.65 52.81 -7.81
CA ALA C 78 23.03 53.59 -8.97
C ALA C 78 22.35 53.09 -10.23
N MET C 79 21.84 51.85 -10.24
CA MET C 79 21.21 51.30 -11.45
C MET C 79 20.02 50.46 -11.05
N LYS C 80 18.94 50.53 -11.85
CA LYS C 80 17.69 49.87 -11.47
C LYS C 80 17.88 48.36 -11.37
N GLN C 81 18.70 47.78 -12.26
CA GLN C 81 18.87 46.34 -12.29
C GLN C 81 19.60 45.82 -11.05
N TRP C 82 20.08 46.73 -10.18
CA TRP C 82 20.71 46.32 -8.93
C TRP C 82 19.70 46.37 -7.80
N GLU C 83 18.52 46.91 -8.09
CA GLU C 83 17.55 47.12 -7.03
C GLU C 83 16.68 45.88 -6.85
N ARG C 84 17.28 44.81 -6.31
CA ARG C 84 16.57 43.54 -6.16
C ARG C 84 17.47 42.59 -5.41
N ASP C 85 16.87 41.61 -4.72
CA ASP C 85 17.67 40.55 -4.14
C ASP C 85 18.43 39.86 -5.29
N LEU C 86 19.64 39.38 -4.99
CA LEU C 86 20.47 38.75 -6.03
C LEU C 86 21.17 37.51 -5.47
N THR C 87 21.38 36.50 -6.33
CA THR C 87 22.27 35.38 -6.01
C THR C 87 23.70 35.83 -6.31
N LEU C 88 24.67 34.97 -6.04
CA LEU C 88 26.06 35.29 -6.36
C LEU C 88 26.15 35.44 -7.89
N ARG C 89 25.57 34.49 -8.66
CA ARG C 89 25.65 34.55 -10.11
CA ARG C 89 25.64 34.55 -10.11
C ARG C 89 24.94 35.82 -10.60
N GLY C 90 23.81 36.15 -9.99
CA GLY C 90 23.03 37.30 -10.45
C GLY C 90 23.80 38.60 -10.22
N ALA C 91 24.41 38.72 -9.02
CA ALA C 91 25.23 39.88 -8.68
C ALA C 91 26.42 40.03 -9.63
N ILE C 92 27.03 38.91 -9.98
CA ILE C 92 28.11 38.89 -10.97
C ILE C 92 27.58 39.27 -12.34
N GLN C 93 26.45 38.70 -12.74
CA GLN C 93 26.00 38.92 -14.09
C GLN C 93 25.58 40.37 -14.31
N VAL C 94 24.91 41.02 -13.33
CA VAL C 94 24.50 42.41 -13.49
C VAL C 94 25.57 43.39 -12.98
N SER C 95 26.73 42.88 -12.56
CA SER C 95 27.81 43.69 -12.00
C SER C 95 27.28 44.61 -10.90
N ALA C 96 26.63 44.03 -9.89
CA ALA C 96 26.06 44.79 -8.78
C ALA C 96 27.17 45.24 -7.81
N VAL C 97 27.84 46.37 -8.11
CA VAL C 97 28.91 46.92 -7.27
C VAL C 97 28.54 46.97 -5.79
N PRO C 98 27.33 47.45 -5.40
CA PRO C 98 27.01 47.59 -3.98
C PRO C 98 27.09 46.29 -3.20
N VAL C 99 26.76 45.17 -3.86
CA VAL C 99 26.89 43.87 -3.22
C VAL C 99 28.35 43.62 -2.89
N PHE C 100 29.22 43.88 -3.87
CA PHE C 100 30.64 43.64 -3.76
C PHE C 100 31.33 44.64 -2.82
N GLN C 101 30.79 45.86 -2.68
CA GLN C 101 31.37 46.83 -1.76
C GLN C 101 31.10 46.38 -0.33
N GLN C 102 29.91 45.80 -0.11
CA GLN C 102 29.64 45.26 1.21
C GLN C 102 30.54 44.05 1.53
N ILE C 103 30.67 43.12 0.56
CA ILE C 103 31.64 42.03 0.70
C ILE C 103 33.04 42.53 1.08
N ALA C 104 33.57 43.53 0.36
CA ALA C 104 34.93 44.01 0.58
C ALA C 104 35.07 44.54 2.02
N ARG C 105 34.10 45.34 2.43
CA ARG C 105 34.04 45.92 3.80
C ARG C 105 34.18 44.82 4.85
N GLU C 106 33.40 43.76 4.73
CA GLU C 106 33.41 42.69 5.72
C GLU C 106 34.67 41.86 5.60
N VAL C 107 35.23 41.74 4.39
CA VAL C 107 36.54 41.11 4.31
C VAL C 107 37.59 41.94 5.07
N GLY C 108 37.64 43.24 4.76
CA GLY C 108 38.58 44.15 5.38
C GLY C 108 39.95 44.21 4.71
N GLU C 109 40.70 45.27 5.03
CA GLU C 109 41.88 45.58 4.26
C GLU C 109 42.94 44.51 4.53
N VAL C 110 43.08 44.04 5.79
CA VAL C 110 44.24 43.17 6.06
C VAL C 110 44.05 41.87 5.27
N ARG C 111 42.84 41.30 5.31
CA ARG C 111 42.57 40.05 4.62
C ARG C 111 42.60 40.25 3.10
N MET C 112 42.00 41.35 2.61
CA MET C 112 42.02 41.61 1.18
C MET C 112 43.46 41.64 0.68
N GLN C 113 44.34 42.32 1.44
CA GLN C 113 45.74 42.46 1.04
C GLN C 113 46.40 41.07 0.93
N LYS C 114 46.15 40.22 1.93
CA LYS C 114 46.72 38.88 2.01
C LYS C 114 46.34 38.05 0.79
N TYR C 115 45.05 38.14 0.41
CA TYR C 115 44.57 37.33 -0.71
C TYR C 115 45.13 37.84 -2.02
N LEU C 116 45.24 39.18 -2.20
CA LEU C 116 45.76 39.65 -3.47
C LEU C 116 47.24 39.30 -3.61
N LYS C 117 47.95 39.21 -2.48
CA LYS C 117 49.32 38.74 -2.56
C LYS C 117 49.30 37.27 -2.98
N LYS C 118 48.48 36.45 -2.35
CA LYS C 118 48.50 35.02 -2.66
C LYS C 118 48.11 34.80 -4.11
N PHE C 119 47.20 35.65 -4.62
CA PHE C 119 46.71 35.54 -5.98
C PHE C 119 47.66 36.21 -6.99
N SER C 120 48.78 36.83 -6.54
CA SER C 120 49.62 37.66 -7.41
C SER C 120 48.80 38.63 -8.28
N TYR C 121 47.88 39.36 -7.61
CA TYR C 121 46.88 40.14 -8.34
C TYR C 121 47.39 41.55 -8.63
N GLY C 122 48.06 41.74 -9.77
CA GLY C 122 48.48 43.04 -10.27
C GLY C 122 49.47 43.73 -9.34
N ASN C 123 49.32 45.05 -9.18
CA ASN C 123 50.23 45.80 -8.33
C ASN C 123 49.80 45.66 -6.87
N GLN C 124 48.72 44.92 -6.61
CA GLN C 124 48.22 44.61 -5.28
C GLN C 124 48.02 45.86 -4.40
N ASN C 125 47.75 47.00 -5.03
CA ASN C 125 47.60 48.26 -4.27
C ASN C 125 46.13 48.48 -3.93
N ILE C 126 45.74 48.19 -2.71
CA ILE C 126 44.32 48.37 -2.36
C ILE C 126 44.06 49.69 -1.61
N SER C 127 44.97 50.67 -1.70
CA SER C 127 44.57 51.94 -1.09
C SER C 127 43.58 52.67 -2.03
N GLY C 128 42.85 53.61 -1.42
CA GLY C 128 41.72 54.27 -2.08
C GLY C 128 40.39 53.96 -1.37
N GLY C 129 40.47 53.24 -0.24
CA GLY C 129 39.31 52.91 0.58
C GLY C 129 38.84 51.49 0.27
N ILE C 130 38.35 50.79 1.31
CA ILE C 130 38.23 49.34 1.25
C ILE C 130 37.16 48.95 0.23
N ASP C 131 36.23 49.87 -0.08
CA ASP C 131 35.12 49.53 -0.96
C ASP C 131 35.20 50.32 -2.26
N LYS C 132 36.37 50.88 -2.56
CA LYS C 132 36.52 51.71 -3.74
C LYS C 132 37.81 51.41 -4.49
N PHE C 133 38.70 50.61 -3.93
CA PHE C 133 40.06 50.57 -4.49
C PHE C 133 40.08 50.07 -5.94
N TRP C 134 39.13 49.21 -6.36
CA TRP C 134 39.16 48.65 -7.69
C TRP C 134 38.31 49.47 -8.66
N LEU C 135 37.62 50.50 -8.14
CA LEU C 135 36.71 51.36 -8.91
C LEU C 135 37.37 52.73 -9.14
N GLU C 136 38.06 53.25 -8.12
CA GLU C 136 38.64 54.57 -8.29
C GLU C 136 39.96 54.72 -7.55
N GLY C 137 40.45 53.61 -6.98
CA GLY C 137 41.70 53.67 -6.26
C GLY C 137 42.89 53.36 -7.16
N GLN C 138 43.89 52.70 -6.55
CA GLN C 138 45.21 52.59 -7.11
C GLN C 138 45.51 51.16 -7.56
N LEU C 139 44.51 50.27 -7.47
CA LEU C 139 44.74 48.89 -7.92
C LEU C 139 44.83 48.91 -9.44
N ARG C 140 45.82 48.17 -9.98
CA ARG C 140 46.05 48.04 -11.42
C ARG C 140 46.44 46.60 -11.75
N ILE C 141 45.95 46.08 -12.89
CA ILE C 141 46.34 44.75 -13.34
C ILE C 141 46.40 44.74 -14.87
N SER C 142 47.36 43.97 -15.39
CA SER C 142 47.59 43.84 -16.84
C SER C 142 46.74 42.71 -17.46
N ALA C 143 46.56 42.74 -18.78
CA ALA C 143 45.89 41.66 -19.52
C ALA C 143 46.62 40.33 -19.32
N VAL C 144 47.96 40.35 -19.35
CA VAL C 144 48.77 39.15 -19.13
C VAL C 144 48.46 38.58 -17.75
N ASN C 145 48.43 39.46 -16.74
CA ASN C 145 48.22 39.00 -15.36
C ASN C 145 46.80 38.47 -15.20
N GLN C 146 45.82 39.09 -15.89
CA GLN C 146 44.46 38.58 -15.88
C GLN C 146 44.47 37.13 -16.38
N VAL C 147 45.13 36.86 -17.51
CA VAL C 147 45.13 35.54 -18.06
C VAL C 147 45.79 34.55 -17.09
N GLU C 148 46.88 34.97 -16.44
CA GLU C 148 47.55 34.11 -15.48
C GLU C 148 46.66 33.75 -14.29
N PHE C 149 45.95 34.76 -13.76
CA PHE C 149 45.05 34.54 -12.64
C PHE C 149 43.89 33.61 -13.07
N LEU C 150 43.30 33.82 -14.27
CA LEU C 150 42.14 33.02 -14.69
C LEU C 150 42.58 31.58 -15.00
N GLU C 151 43.81 31.44 -15.53
CA GLU C 151 44.37 30.11 -15.73
C GLU C 151 44.45 29.37 -14.39
N SER C 152 45.03 29.99 -13.35
CA SER C 152 45.03 29.40 -12.00
C SER C 152 43.61 29.04 -11.55
N LEU C 153 42.65 29.96 -11.74
CA LEU C 153 41.26 29.66 -11.42
C LEU C 153 40.78 28.40 -12.15
N TYR C 154 40.95 28.36 -13.47
CA TYR C 154 40.51 27.22 -14.27
C TYR C 154 41.09 25.92 -13.69
N LEU C 155 42.35 25.98 -13.23
CA LEU C 155 43.06 24.79 -12.77
C LEU C 155 42.82 24.48 -11.28
N ASN C 156 42.02 25.32 -10.62
CA ASN C 156 41.78 25.28 -9.18
C ASN C 156 43.08 25.45 -8.39
N LYS C 157 44.03 26.21 -8.98
CA LYS C 157 45.33 26.37 -8.35
C LYS C 157 45.44 27.67 -7.56
N LEU C 158 44.39 28.50 -7.48
CA LEU C 158 44.49 29.62 -6.56
C LEU C 158 44.51 29.14 -5.11
N SER C 159 44.98 30.01 -4.20
CA SER C 159 45.08 29.68 -2.80
C SER C 159 43.73 29.86 -2.16
N ALA C 160 42.80 28.98 -2.53
CA ALA C 160 41.45 28.97 -2.03
C ALA C 160 40.97 27.53 -2.16
N SER C 161 39.89 27.15 -1.49
CA SER C 161 39.43 25.79 -1.64
C SER C 161 39.01 25.52 -3.10
N LYS C 162 39.15 24.26 -3.53
CA LYS C 162 38.61 23.86 -4.83
C LYS C 162 37.11 24.15 -4.88
N GLU C 163 36.39 23.90 -3.78
CA GLU C 163 34.95 24.09 -3.75
CA GLU C 163 34.95 24.09 -3.75
C GLU C 163 34.62 25.55 -4.08
N ASN C 164 35.35 26.48 -3.48
CA ASN C 164 35.09 27.91 -3.68
C ASN C 164 35.44 28.34 -5.11
N GLN C 165 36.50 27.77 -5.67
CA GLN C 165 36.89 28.04 -7.04
C GLN C 165 35.81 27.54 -8.00
N LEU C 166 35.26 26.35 -7.70
CA LEU C 166 34.19 25.79 -8.52
C LEU C 166 32.92 26.64 -8.48
N ILE C 167 32.54 27.11 -7.27
CA ILE C 167 31.34 27.92 -7.10
C ILE C 167 31.48 29.18 -7.96
N VAL C 168 32.65 29.82 -7.93
CA VAL C 168 32.79 31.05 -8.70
C VAL C 168 32.84 30.76 -10.20
N LYS C 169 33.49 29.63 -10.59
CA LYS C 169 33.51 29.25 -12.00
C LYS C 169 32.08 29.10 -12.52
N GLU C 170 31.22 28.39 -11.78
CA GLU C 170 29.90 28.27 -12.35
C GLU C 170 29.21 29.65 -12.45
N ALA C 171 29.40 30.54 -11.46
CA ALA C 171 28.78 31.86 -11.50
C ALA C 171 29.25 32.67 -12.71
N LEU C 172 30.41 32.31 -13.30
CA LEU C 172 30.95 33.08 -14.40
C LEU C 172 30.60 32.51 -15.77
N VAL C 173 29.89 31.37 -15.85
CA VAL C 173 29.57 30.78 -17.15
C VAL C 173 28.67 31.77 -17.91
N THR C 174 29.01 32.06 -19.19
CA THR C 174 28.24 33.03 -19.97
C THR C 174 27.78 32.45 -21.31
N GLU C 175 28.35 31.33 -21.75
CA GLU C 175 27.93 30.66 -22.96
C GLU C 175 28.12 29.16 -22.75
N ALA C 176 27.13 28.38 -23.19
CA ALA C 176 27.18 26.92 -23.00
C ALA C 176 26.59 26.18 -24.20
N ALA C 177 27.39 25.25 -24.77
CA ALA C 177 27.01 24.26 -25.77
C ALA C 177 27.66 22.95 -25.32
N PRO C 178 27.26 21.79 -25.88
CA PRO C 178 27.86 20.52 -25.42
C PRO C 178 29.38 20.49 -25.37
N GLU C 179 30.04 21.02 -26.39
CA GLU C 179 31.50 20.98 -26.45
C GLU C 179 32.06 22.39 -26.55
N TYR C 180 31.33 23.40 -26.02
CA TYR C 180 31.84 24.76 -26.02
C TYR C 180 31.34 25.50 -24.78
N LEU C 181 32.26 25.93 -23.91
CA LEU C 181 31.85 26.57 -22.67
C LEU C 181 32.66 27.84 -22.46
N VAL C 182 31.97 28.95 -22.22
CA VAL C 182 32.70 30.19 -21.96
C VAL C 182 32.49 30.66 -20.51
N HIS C 183 33.60 31.01 -19.85
CA HIS C 183 33.48 31.70 -18.57
C HIS C 183 34.04 33.11 -18.78
N SER C 184 33.32 34.16 -18.39
CA SER C 184 33.84 35.49 -18.72
C SER C 184 33.31 36.57 -17.79
N LYS C 185 33.94 37.77 -17.81
CA LYS C 185 33.44 38.87 -17.02
C LYS C 185 33.81 40.17 -17.72
N THR C 186 32.86 41.10 -17.85
CA THR C 186 33.17 42.42 -18.40
C THR C 186 33.56 43.43 -17.31
N GLY C 187 34.12 44.58 -17.72
CA GLY C 187 34.35 45.66 -16.77
C GLY C 187 34.30 47.00 -17.50
N TRP C 188 33.87 48.04 -16.80
CA TRP C 188 33.98 49.38 -17.35
C TRP C 188 34.42 50.27 -16.21
N GLY C 189 35.67 50.75 -16.27
CA GLY C 189 36.18 51.52 -15.15
C GLY C 189 36.03 53.01 -15.41
N MET C 190 35.02 53.66 -14.81
CA MET C 190 34.81 55.08 -15.07
C MET C 190 35.65 55.95 -14.12
N GLY C 191 36.20 55.34 -13.08
CA GLY C 191 36.89 56.09 -12.02
C GLY C 191 38.38 56.32 -12.30
N VAL C 192 38.78 56.13 -13.56
CA VAL C 192 40.13 56.43 -14.02
C VAL C 192 40.02 57.21 -15.34
N THR C 193 41.08 57.96 -15.66
CA THR C 193 41.18 58.64 -16.95
C THR C 193 42.41 58.17 -17.70
N PRO C 194 42.31 57.66 -18.96
CA PRO C 194 41.03 57.42 -19.63
C PRO C 194 40.28 56.26 -18.97
N GLN C 195 38.98 56.17 -19.26
CA GLN C 195 38.18 55.05 -18.79
C GLN C 195 38.68 53.76 -19.45
N VAL C 196 38.52 52.61 -18.78
CA VAL C 196 38.96 51.34 -19.37
C VAL C 196 37.74 50.43 -19.50
N GLY C 197 37.67 49.72 -20.62
CA GLY C 197 36.71 48.64 -20.74
C GLY C 197 37.44 47.31 -20.76
N TRP C 198 36.87 46.29 -20.10
CA TRP C 198 37.52 44.99 -20.06
C TRP C 198 36.59 43.90 -20.58
N TRP C 199 37.17 42.84 -21.20
CA TRP C 199 36.49 41.52 -21.17
C TRP C 199 37.56 40.47 -20.88
N VAL C 200 37.38 39.60 -19.86
CA VAL C 200 38.36 38.56 -19.59
C VAL C 200 37.62 37.23 -19.39
N GLY C 201 38.32 36.13 -19.68
CA GLY C 201 37.62 34.86 -19.54
C GLY C 201 38.45 33.71 -20.11
N TRP C 202 37.75 32.60 -20.36
CA TRP C 202 38.40 31.48 -21.02
C TRP C 202 37.35 30.68 -21.77
N VAL C 203 37.82 30.01 -22.82
CA VAL C 203 36.92 29.24 -23.64
C VAL C 203 37.40 27.80 -23.54
N GLU C 204 36.45 26.90 -23.28
CA GLU C 204 36.72 25.48 -23.37
C GLU C 204 36.03 24.96 -24.62
N LYS C 205 36.81 24.48 -25.58
CA LYS C 205 36.29 24.03 -26.86
C LYS C 205 36.79 22.61 -27.07
N GLU C 206 35.87 21.64 -27.14
CA GLU C 206 36.25 20.23 -27.23
C GLU C 206 37.24 19.96 -26.11
N THR C 207 38.46 19.48 -26.40
CA THR C 207 39.36 19.24 -25.28
C THR C 207 40.42 20.34 -25.15
N GLU C 208 40.18 21.49 -25.80
CA GLU C 208 41.15 22.57 -25.74
C GLU C 208 40.69 23.68 -24.81
N VAL C 209 41.65 24.53 -24.37
CA VAL C 209 41.26 25.67 -23.57
C VAL C 209 42.03 26.88 -24.07
N TYR C 210 41.34 28.03 -24.07
CA TYR C 210 41.97 29.29 -24.47
C TYR C 210 41.65 30.34 -23.40
N PHE C 211 42.69 31.01 -22.89
CA PHE C 211 42.55 32.07 -21.90
C PHE C 211 42.61 33.41 -22.65
N PHE C 212 41.81 34.39 -22.24
CA PHE C 212 41.83 35.64 -22.97
C PHE C 212 41.70 36.83 -22.02
N ALA C 213 42.30 37.96 -22.45
CA ALA C 213 42.00 39.18 -21.74
C ALA C 213 42.04 40.34 -22.75
N PHE C 214 41.04 41.22 -22.62
CA PHE C 214 40.92 42.37 -23.51
C PHE C 214 40.76 43.63 -22.65
N ASN C 215 41.49 44.72 -23.01
CA ASN C 215 41.07 46.00 -22.52
C ASN C 215 41.19 47.09 -23.59
N MET C 216 40.53 48.24 -23.34
CA MET C 216 40.53 49.31 -24.32
C MET C 216 40.25 50.61 -23.60
N ASP C 217 40.64 51.72 -24.23
CA ASP C 217 40.27 53.04 -23.71
C ASP C 217 38.85 53.33 -24.20
N ILE C 218 37.96 53.72 -23.27
CA ILE C 218 36.53 53.90 -23.51
C ILE C 218 36.26 55.39 -23.35
N ASP C 219 35.52 55.98 -24.30
CA ASP C 219 35.16 57.39 -24.18
C ASP C 219 33.91 57.53 -23.31
N ASN C 220 33.02 56.54 -23.46
CA ASN C 220 31.71 56.54 -22.87
C ASN C 220 31.00 55.23 -23.26
N GLU C 221 29.81 55.06 -22.70
CA GLU C 221 29.03 53.83 -22.77
C GLU C 221 28.90 53.31 -24.21
N SER C 222 28.91 54.20 -25.21
CA SER C 222 28.49 53.81 -26.54
C SER C 222 29.39 52.72 -27.13
N LYS C 223 30.69 52.76 -26.85
CA LYS C 223 31.68 51.80 -27.35
C LYS C 223 31.78 50.52 -26.52
N LEU C 224 30.97 50.34 -25.46
CA LEU C 224 31.15 49.18 -24.58
C LEU C 224 31.00 47.83 -25.31
N PRO C 225 30.12 47.68 -26.33
CA PRO C 225 30.00 46.39 -27.01
C PRO C 225 31.28 45.87 -27.67
N LEU C 226 32.24 46.80 -27.90
CA LEU C 226 33.48 46.44 -28.56
C LEU C 226 34.32 45.49 -27.69
N ARG C 227 34.13 45.59 -26.37
CA ARG C 227 34.78 44.71 -25.41
C ARG C 227 34.54 43.25 -25.78
N LYS C 228 33.37 42.93 -26.34
CA LYS C 228 33.17 41.54 -26.76
C LYS C 228 33.41 41.36 -28.26
N SER C 229 33.01 42.33 -29.10
CA SER C 229 33.04 42.11 -30.54
C SER C 229 34.49 42.07 -31.08
N ILE C 230 35.39 42.88 -30.52
CA ILE C 230 36.74 42.82 -31.06
C ILE C 230 37.39 41.47 -30.71
N PRO C 231 37.37 41.01 -29.44
CA PRO C 231 37.84 39.65 -29.13
C PRO C 231 37.20 38.54 -29.97
N THR C 232 35.89 38.66 -30.17
CA THR C 232 35.14 37.67 -30.94
C THR C 232 35.67 37.60 -32.36
N LYS C 233 35.86 38.77 -33.03
CA LYS C 233 36.47 38.75 -34.37
C LYS C 233 37.86 38.09 -34.34
N ILE C 234 38.73 38.47 -33.39
CA ILE C 234 40.06 37.87 -33.33
C ILE C 234 39.98 36.35 -33.11
N MET C 235 39.14 35.92 -32.19
CA MET C 235 39.07 34.48 -31.90
C MET C 235 38.50 33.72 -33.09
N GLU C 236 37.58 34.35 -33.82
CA GLU C 236 37.10 33.76 -35.05
C GLU C 236 38.24 33.57 -36.05
N SER C 237 39.14 34.57 -36.20
CA SER C 237 40.15 34.46 -37.24
C SER C 237 41.18 33.41 -36.81
N GLU C 238 41.18 33.09 -35.52
CA GLU C 238 42.07 32.06 -35.01
C GLU C 238 41.39 30.68 -35.09
N GLY C 239 40.18 30.61 -35.66
CA GLY C 239 39.44 29.35 -35.75
C GLY C 239 38.82 28.89 -34.43
N ILE C 240 38.76 29.75 -33.41
CA ILE C 240 38.21 29.30 -32.12
C ILE C 240 36.69 29.20 -32.17
N ILE C 241 36.03 30.22 -32.76
CA ILE C 241 34.57 30.31 -32.68
C ILE C 241 33.87 29.21 -33.49
N GLY C 242 34.30 28.97 -34.74
CA GLY C 242 33.47 28.18 -35.66
C GLY C 242 34.03 26.81 -36.01
N SER D 1 -53.76 -44.66 13.46
CA SER D 1 -52.89 -45.71 12.85
C SER D 1 -51.64 -45.94 13.71
N ILE D 2 -51.47 -45.17 14.81
CA ILE D 2 -50.40 -45.43 15.79
C ILE D 2 -50.49 -46.88 16.23
N THR D 3 -49.34 -47.57 16.34
CA THR D 3 -49.32 -48.97 16.72
C THR D 3 -48.77 -49.12 18.12
N GLU D 4 -49.15 -50.21 18.78
CA GLU D 4 -48.64 -50.44 20.12
C GLU D 4 -47.49 -51.43 20.09
N ASN D 5 -46.40 -51.13 20.79
CA ASN D 5 -45.23 -52.04 20.90
C ASN D 5 -45.07 -52.35 22.40
N THR D 6 -45.68 -53.43 22.85
CA THR D 6 -45.73 -53.70 24.27
C THR D 6 -44.34 -54.04 24.85
N SER D 7 -43.38 -54.48 24.04
CA SER D 7 -42.07 -54.87 24.56
C SER D 7 -41.30 -53.65 25.11
N TRP D 8 -41.59 -52.45 24.56
CA TRP D 8 -41.00 -51.23 25.04
C TRP D 8 -41.28 -51.03 26.51
N ASN D 9 -42.40 -51.61 27.01
CA ASN D 9 -42.73 -51.47 28.42
C ASN D 9 -41.61 -51.94 29.35
N LYS D 10 -40.70 -52.79 28.87
CA LYS D 10 -39.70 -53.34 29.79
C LYS D 10 -38.75 -52.24 30.29
N GLU D 11 -38.64 -51.15 29.50
CA GLU D 11 -37.68 -50.10 29.83
C GLU D 11 -38.27 -49.23 30.95
N PHE D 12 -39.59 -49.33 31.10
CA PHE D 12 -40.25 -48.56 32.15
C PHE D 12 -40.26 -49.38 33.43
N SER D 13 -40.64 -50.65 33.32
CA SER D 13 -40.65 -51.51 34.50
C SER D 13 -39.23 -51.70 35.06
N ALA D 14 -38.19 -51.68 34.19
CA ALA D 14 -36.82 -51.87 34.66
C ALA D 14 -36.43 -50.74 35.61
N GLU D 15 -37.14 -49.58 35.51
CA GLU D 15 -36.81 -48.42 36.32
C GLU D 15 -37.94 -48.07 37.28
N ALA D 16 -38.95 -48.95 37.39
CA ALA D 16 -40.01 -48.77 38.38
C ALA D 16 -40.80 -47.46 38.15
N VAL D 17 -41.14 -47.14 36.91
CA VAL D 17 -41.93 -45.96 36.63
C VAL D 17 -43.07 -46.25 35.63
N ASN D 18 -44.03 -45.34 35.60
CA ASN D 18 -45.17 -45.36 34.72
C ASN D 18 -44.91 -44.30 33.65
N GLY D 19 -45.14 -44.60 32.37
CA GLY D 19 -45.05 -43.48 31.42
C GLY D 19 -45.27 -43.94 29.98
N VAL D 20 -45.05 -43.02 29.03
CA VAL D 20 -45.37 -43.31 27.64
C VAL D 20 -44.21 -42.82 26.76
N PHE D 21 -43.86 -43.60 25.72
CA PHE D 21 -43.02 -43.08 24.66
C PHE D 21 -43.78 -43.18 23.34
N VAL D 22 -43.76 -42.11 22.53
CA VAL D 22 -44.29 -42.11 21.20
C VAL D 22 -43.12 -41.79 20.25
N LEU D 23 -42.99 -42.54 19.14
CA LEU D 23 -41.83 -42.45 18.26
C LEU D 23 -42.40 -42.64 16.87
N CYS D 24 -42.13 -41.67 15.99
CA CYS D 24 -42.64 -41.74 14.63
C CYS D 24 -41.46 -41.65 13.66
N LYS D 25 -41.51 -42.45 12.58
CA LYS D 25 -40.48 -42.34 11.58
C LYS D 25 -41.05 -41.58 10.37
N SER D 26 -40.30 -40.59 9.87
CA SER D 26 -40.65 -39.77 8.69
C SER D 26 -41.75 -38.76 8.94
N SER D 27 -42.90 -39.20 9.48
CA SER D 27 -44.03 -38.31 9.71
C SER D 27 -44.84 -38.83 10.91
N SER D 28 -45.82 -38.02 11.31
CA SER D 28 -46.74 -38.41 12.37
C SER D 28 -47.77 -39.43 11.85
N LYS D 29 -47.59 -39.91 10.62
CA LYS D 29 -48.48 -40.95 10.10
C LYS D 29 -47.91 -42.35 10.32
N SER D 30 -46.70 -42.46 10.89
CA SER D 30 -46.17 -43.79 11.22
C SER D 30 -45.59 -43.71 12.62
N CYS D 31 -46.44 -44.00 13.60
CA CYS D 31 -46.00 -43.84 14.98
C CYS D 31 -46.18 -45.15 15.73
N ALA D 32 -45.38 -45.35 16.76
CA ALA D 32 -45.55 -46.45 17.70
C ALA D 32 -45.39 -45.95 19.14
N THR D 33 -45.97 -46.70 20.08
CA THR D 33 -45.95 -46.33 21.48
C THR D 33 -45.97 -47.61 22.34
N ASN D 34 -45.55 -47.51 23.62
CA ASN D 34 -45.72 -48.65 24.52
C ASN D 34 -47.15 -48.73 25.07
N ASP D 35 -47.92 -47.62 24.97
CA ASP D 35 -49.21 -47.55 25.67
C ASP D 35 -50.14 -46.62 24.90
N LEU D 36 -51.10 -47.21 24.18
CA LEU D 36 -51.96 -46.45 23.28
C LEU D 36 -52.78 -45.43 24.06
N ALA D 37 -53.20 -45.80 25.28
CA ALA D 37 -54.06 -44.89 26.02
C ALA D 37 -53.25 -43.67 26.43
N ARG D 38 -52.11 -43.92 27.09
CA ARG D 38 -51.39 -42.82 27.68
C ARG D 38 -50.80 -41.94 26.57
N ALA D 39 -50.54 -42.53 25.39
CA ALA D 39 -50.01 -41.74 24.28
C ALA D 39 -50.92 -40.54 23.95
N SER D 40 -52.21 -40.68 24.24
CA SER D 40 -53.17 -39.64 23.92
CA SER D 40 -53.23 -39.70 23.93
C SER D 40 -53.61 -38.87 25.15
N LYS D 41 -53.13 -39.25 26.34
CA LYS D 41 -53.54 -38.55 27.55
C LYS D 41 -52.81 -37.21 27.64
N GLU D 42 -53.51 -36.14 28.07
CA GLU D 42 -52.92 -34.81 28.11
C GLU D 42 -52.32 -34.47 29.48
N TYR D 43 -51.08 -33.94 29.52
CA TYR D 43 -50.39 -33.64 30.76
C TYR D 43 -49.91 -32.20 30.73
N LEU D 44 -49.68 -31.59 31.92
CA LEU D 44 -49.19 -30.23 31.97
C LEU D 44 -47.89 -30.21 31.17
N PRO D 45 -47.66 -29.23 30.26
CA PRO D 45 -46.44 -29.25 29.45
C PRO D 45 -45.17 -28.87 30.21
N ALA D 46 -45.32 -28.09 31.30
CA ALA D 46 -44.18 -27.56 32.05
C ALA D 46 -43.19 -26.90 31.06
N SER D 47 -41.87 -27.15 31.21
CA SER D 47 -40.83 -26.45 30.45
C SER D 47 -40.84 -26.80 28.97
N THR D 48 -41.56 -27.85 28.55
CA THR D 48 -41.67 -28.08 27.12
C THR D 48 -42.43 -26.91 26.47
N PHE D 49 -43.17 -26.16 27.28
CA PHE D 49 -43.88 -25.01 26.75
C PHE D 49 -42.95 -23.88 26.31
N KCX D 50 -41.67 -23.92 26.71
CA KCX D 50 -40.75 -22.94 26.17
CB KCX D 50 -39.39 -22.94 26.87
CG KCX D 50 -39.45 -22.62 28.38
CD KCX D 50 -38.10 -22.65 29.08
CE KCX D 50 -38.27 -22.20 30.54
NZ KCX D 50 -39.21 -23.05 31.27
C KCX D 50 -40.66 -22.96 24.62
O KCX D 50 -40.30 -21.93 24.04
CX KCX D 50 -40.51 -22.64 31.53
OQ1 KCX D 50 -41.21 -23.54 32.15
OQ2 KCX D 50 -41.02 -21.58 31.20
N ILE D 51 -41.01 -24.09 23.98
CA ILE D 51 -40.90 -24.14 22.52
C ILE D 51 -41.98 -23.25 21.88
N PRO D 52 -43.30 -23.49 22.07
CA PRO D 52 -44.27 -22.52 21.56
C PRO D 52 -44.11 -21.09 22.05
N ASN D 53 -43.81 -20.91 23.35
CA ASN D 53 -43.64 -19.61 23.98
C ASN D 53 -42.56 -18.79 23.27
N ALA D 54 -41.44 -19.46 22.96
CA ALA D 54 -40.34 -18.84 22.23
C ALA D 54 -40.80 -18.39 20.83
N ILE D 55 -41.49 -19.27 20.10
CA ILE D 55 -41.93 -18.93 18.74
C ILE D 55 -42.87 -17.72 18.83
N ILE D 56 -43.77 -17.79 19.80
CA ILE D 56 -44.80 -16.78 19.96
C ILE D 56 -44.10 -15.48 20.34
N GLY D 57 -43.11 -15.56 21.25
CA GLY D 57 -42.31 -14.40 21.64
C GLY D 57 -41.67 -13.68 20.46
N LEU D 58 -41.18 -14.47 19.48
CA LEU D 58 -40.56 -13.90 18.30
C LEU D 58 -41.61 -13.34 17.34
N GLU D 59 -42.67 -14.11 17.09
CA GLU D 59 -43.73 -13.68 16.18
C GLU D 59 -44.35 -12.36 16.59
N THR D 60 -44.57 -12.16 17.89
CA THR D 60 -45.22 -10.97 18.42
C THR D 60 -44.23 -9.81 18.56
N GLY D 61 -42.92 -10.10 18.43
CA GLY D 61 -41.89 -9.08 18.53
C GLY D 61 -41.43 -8.80 19.97
N VAL D 62 -42.04 -9.48 20.95
CA VAL D 62 -41.63 -9.43 22.34
C VAL D 62 -40.16 -9.82 22.47
N ILE D 63 -39.78 -10.90 21.78
CA ILE D 63 -38.38 -11.21 21.57
C ILE D 63 -37.97 -10.52 20.27
N LYS D 64 -37.01 -9.59 20.36
CA LYS D 64 -36.71 -8.72 19.22
C LYS D 64 -36.15 -9.52 18.06
N ASN D 65 -35.27 -10.47 18.34
CA ASN D 65 -34.64 -11.27 17.29
C ASN D 65 -33.81 -12.37 17.96
N GLU D 66 -33.04 -13.12 17.16
CA GLU D 66 -32.30 -14.26 17.67
C GLU D 66 -31.18 -13.84 18.63
N HIS D 67 -30.75 -12.58 18.60
CA HIS D 67 -29.59 -12.16 19.39
C HIS D 67 -30.02 -11.48 20.69
N GLN D 68 -31.33 -11.43 20.95
CA GLN D 68 -31.86 -10.82 22.18
C GLN D 68 -31.18 -11.37 23.44
N VAL D 69 -30.71 -10.47 24.31
CA VAL D 69 -30.20 -10.92 25.60
C VAL D 69 -31.24 -10.58 26.67
N PHE D 70 -31.57 -11.57 27.51
CA PHE D 70 -32.49 -11.42 28.63
C PHE D 70 -31.67 -11.08 29.87
N LYS D 71 -31.70 -9.80 30.22
CA LYS D 71 -30.85 -9.33 31.30
C LYS D 71 -31.46 -9.74 32.64
N TRP D 72 -30.58 -10.18 33.55
CA TRP D 72 -31.00 -10.45 34.90
C TRP D 72 -31.04 -9.14 35.71
N ASP D 73 -32.14 -8.93 36.43
CA ASP D 73 -32.37 -7.73 37.22
C ASP D 73 -31.62 -7.77 38.55
N GLY D 74 -30.92 -8.85 38.85
CA GLY D 74 -30.21 -8.94 40.13
C GLY D 74 -31.06 -9.47 41.28
N LYS D 75 -32.40 -9.34 41.21
CA LYS D 75 -33.29 -9.88 42.23
C LYS D 75 -33.19 -11.41 42.21
N PRO D 76 -33.37 -12.12 43.35
CA PRO D 76 -33.02 -13.55 43.43
C PRO D 76 -34.01 -14.40 42.65
N ARG D 77 -33.55 -15.54 42.14
CA ARG D 77 -34.38 -16.43 41.34
C ARG D 77 -34.30 -17.82 41.96
N ALA D 78 -35.23 -18.71 41.56
CA ALA D 78 -35.40 -19.98 42.24
C ALA D 78 -34.23 -20.94 42.01
N MET D 79 -33.43 -20.75 40.96
CA MET D 79 -32.22 -21.55 40.82
C MET D 79 -31.06 -20.61 40.52
N LYS D 80 -29.85 -20.99 40.95
CA LYS D 80 -28.71 -20.10 40.73
C LYS D 80 -28.31 -20.03 39.25
N GLN D 81 -28.49 -21.15 38.49
CA GLN D 81 -28.22 -21.20 37.05
C GLN D 81 -29.02 -20.13 36.28
N TRP D 82 -30.09 -19.60 36.87
CA TRP D 82 -30.93 -18.60 36.20
C TRP D 82 -30.48 -17.19 36.53
N GLU D 83 -29.60 -17.06 37.53
CA GLU D 83 -29.18 -15.73 37.97
C GLU D 83 -28.03 -15.20 37.12
N ARG D 84 -28.33 -14.84 35.87
CA ARG D 84 -27.33 -14.35 34.94
C ARG D 84 -28.06 -13.90 33.70
N ASP D 85 -27.41 -13.04 32.92
CA ASP D 85 -27.96 -12.70 31.61
C ASP D 85 -27.97 -13.97 30.76
N LEU D 86 -28.98 -14.07 29.88
CA LEU D 86 -29.11 -15.28 29.09
C LEU D 86 -29.43 -14.93 27.63
N THR D 87 -28.89 -15.71 26.70
CA THR D 87 -29.40 -15.72 25.33
C THR D 87 -30.71 -16.51 25.27
N LEU D 88 -31.34 -16.51 24.08
CA LEU D 88 -32.54 -17.33 23.89
C LEU D 88 -32.15 -18.81 24.08
N ARG D 89 -31.09 -19.23 23.43
CA ARG D 89 -30.63 -20.63 23.59
C ARG D 89 -30.28 -20.90 25.05
N GLY D 90 -29.57 -20.00 25.71
CA GLY D 90 -29.20 -20.17 27.11
C GLY D 90 -30.45 -20.32 27.98
N ALA D 91 -31.43 -19.44 27.82
CA ALA D 91 -32.65 -19.49 28.62
C ALA D 91 -33.40 -20.80 28.40
N ILE D 92 -33.35 -21.35 27.18
CA ILE D 92 -34.00 -22.62 26.87
C ILE D 92 -33.19 -23.76 27.48
N GLN D 93 -31.86 -23.66 27.36
CA GLN D 93 -31.01 -24.73 27.83
C GLN D 93 -31.13 -24.89 29.35
N VAL D 94 -31.18 -23.77 30.11
CA VAL D 94 -31.24 -23.87 31.57
C VAL D 94 -32.68 -23.91 32.06
N SER D 95 -33.63 -23.82 31.11
CA SER D 95 -35.04 -23.77 31.43
C SER D 95 -35.33 -22.63 32.39
N ALA D 96 -34.90 -21.41 32.05
CA ALA D 96 -35.06 -20.25 32.89
C ALA D 96 -36.52 -19.78 32.90
N VAL D 97 -37.39 -20.36 33.76
CA VAL D 97 -38.80 -19.99 33.92
CA VAL D 97 -38.80 -20.00 33.84
C VAL D 97 -39.03 -18.48 33.93
N PRO D 98 -38.30 -17.69 34.75
CA PRO D 98 -38.62 -16.26 34.88
C PRO D 98 -38.54 -15.51 33.56
N VAL D 99 -37.60 -15.92 32.69
CA VAL D 99 -37.45 -15.28 31.39
C VAL D 99 -38.75 -15.49 30.63
N PHE D 100 -39.25 -16.74 30.63
CA PHE D 100 -40.44 -17.07 29.87
C PHE D 100 -41.73 -16.51 30.48
N GLN D 101 -41.76 -16.31 31.79
CA GLN D 101 -42.94 -15.73 32.38
C GLN D 101 -43.02 -14.26 31.98
N GLN D 102 -41.87 -13.59 31.87
CA GLN D 102 -41.92 -12.21 31.40
C GLN D 102 -42.36 -12.14 29.93
N ILE D 103 -41.83 -13.05 29.10
CA ILE D 103 -42.31 -13.20 27.71
C ILE D 103 -43.84 -13.38 27.65
N ALA D 104 -44.36 -14.36 28.38
CA ALA D 104 -45.80 -14.61 28.40
C ALA D 104 -46.58 -13.34 28.81
N ARG D 105 -46.09 -12.63 29.84
CA ARG D 105 -46.78 -11.43 30.33
C ARG D 105 -46.94 -10.38 29.22
N GLU D 106 -45.91 -10.17 28.42
CA GLU D 106 -45.86 -9.16 27.38
C GLU D 106 -46.62 -9.64 26.16
N VAL D 107 -46.65 -10.96 25.95
CA VAL D 107 -47.48 -11.50 24.86
C VAL D 107 -48.94 -11.23 25.23
N GLY D 108 -49.31 -11.58 26.47
CA GLY D 108 -50.66 -11.42 26.98
C GLY D 108 -51.64 -12.53 26.58
N GLU D 109 -52.79 -12.55 27.26
CA GLU D 109 -53.68 -13.68 27.15
C GLU D 109 -54.29 -13.79 25.76
N VAL D 110 -54.82 -12.69 25.20
CA VAL D 110 -55.55 -12.78 23.92
C VAL D 110 -54.62 -13.33 22.82
N ARG D 111 -53.37 -12.83 22.77
CA ARG D 111 -52.48 -13.33 21.73
C ARG D 111 -51.98 -14.76 22.02
N MET D 112 -51.67 -15.06 23.26
CA MET D 112 -51.25 -16.42 23.59
C MET D 112 -52.36 -17.41 23.18
N GLN D 113 -53.63 -17.04 23.45
CA GLN D 113 -54.76 -17.90 23.12
C GLN D 113 -54.78 -18.14 21.60
N LYS D 114 -54.65 -17.07 20.84
CA LYS D 114 -54.72 -17.10 19.38
C LYS D 114 -53.66 -18.04 18.80
N TYR D 115 -52.44 -17.98 19.35
CA TYR D 115 -51.35 -18.80 18.85
C TYR D 115 -51.55 -20.26 19.21
N LEU D 116 -52.06 -20.53 20.43
CA LEU D 116 -52.19 -21.93 20.81
C LEU D 116 -53.28 -22.58 19.97
N LYS D 117 -54.27 -21.77 19.55
CA LYS D 117 -55.26 -22.26 18.61
C LYS D 117 -54.61 -22.53 17.25
N LYS D 118 -53.79 -21.61 16.75
CA LYS D 118 -53.17 -21.81 15.43
C LYS D 118 -52.28 -23.05 15.44
N PHE D 119 -51.62 -23.28 16.60
CA PHE D 119 -50.64 -24.34 16.79
C PHE D 119 -51.32 -25.66 17.16
N SER D 120 -52.67 -25.68 17.37
CA SER D 120 -53.42 -26.83 17.86
C SER D 120 -52.73 -27.42 19.09
N TYR D 121 -52.43 -26.52 20.04
CA TYR D 121 -51.59 -26.90 21.17
C TYR D 121 -52.44 -27.46 22.32
N GLY D 122 -52.61 -28.80 22.33
CA GLY D 122 -53.30 -29.51 23.39
C GLY D 122 -54.73 -29.00 23.65
N ASN D 123 -55.12 -28.89 24.94
CA ASN D 123 -56.48 -28.43 25.23
C ASN D 123 -56.57 -26.90 25.16
N GLN D 124 -55.49 -26.21 24.82
CA GLN D 124 -55.45 -24.77 24.61
C GLN D 124 -56.02 -24.00 25.80
N ASN D 125 -55.98 -24.58 26.99
CA ASN D 125 -56.58 -23.92 28.18
C ASN D 125 -55.48 -23.12 28.89
N ILE D 126 -55.47 -21.81 28.72
CA ILE D 126 -54.42 -21.05 29.37
C ILE D 126 -54.93 -20.33 30.64
N SER D 127 -56.00 -20.82 31.27
CA SER D 127 -56.29 -20.23 32.57
C SER D 127 -55.32 -20.75 33.64
N GLY D 128 -55.26 -19.94 34.70
CA GLY D 128 -54.36 -20.17 35.82
C GLY D 128 -53.32 -19.05 35.90
N GLY D 129 -53.54 -18.00 35.09
CA GLY D 129 -52.73 -16.79 35.16
C GLY D 129 -51.73 -16.80 34.01
N ILE D 130 -51.52 -15.63 33.40
CA ILE D 130 -50.80 -15.54 32.14
C ILE D 130 -49.37 -16.05 32.26
N ASP D 131 -48.81 -16.05 33.49
CA ASP D 131 -47.41 -16.47 33.62
C ASP D 131 -47.30 -17.79 34.36
N LYS D 132 -48.40 -18.54 34.49
CA LYS D 132 -48.36 -19.73 35.33
C LYS D 132 -49.09 -20.90 34.67
N PHE D 133 -49.82 -20.64 33.59
CA PHE D 133 -50.76 -21.64 33.10
C PHE D 133 -50.09 -22.97 32.69
N TRP D 134 -48.81 -22.94 32.28
CA TRP D 134 -48.14 -24.15 31.78
C TRP D 134 -47.37 -24.83 32.91
N LEU D 135 -47.37 -24.19 34.10
CA LEU D 135 -46.60 -24.57 35.28
C LEU D 135 -47.52 -25.10 36.38
N GLU D 136 -48.66 -24.43 36.61
CA GLU D 136 -49.61 -24.95 37.60
C GLU D 136 -51.08 -24.74 37.18
N GLY D 137 -51.26 -24.27 35.93
CA GLY D 137 -52.59 -23.99 35.42
C GLY D 137 -53.24 -25.21 34.79
N GLN D 138 -54.12 -24.94 33.82
CA GLN D 138 -55.01 -25.97 33.30
C GLN D 138 -54.58 -26.44 31.91
N LEU D 139 -53.43 -25.94 31.41
CA LEU D 139 -52.96 -26.37 30.08
C LEU D 139 -52.57 -27.83 30.16
N ARG D 140 -52.91 -28.60 29.13
CA ARG D 140 -52.53 -30.00 29.04
C ARG D 140 -52.29 -30.38 27.57
N ILE D 141 -51.29 -31.23 27.32
CA ILE D 141 -50.99 -31.69 25.97
C ILE D 141 -50.48 -33.14 26.03
N SER D 142 -50.86 -33.91 25.01
CA SER D 142 -50.49 -35.32 24.94
C SER D 142 -49.14 -35.48 24.24
N ALA D 143 -48.49 -36.67 24.39
CA ALA D 143 -47.27 -37.06 23.68
C ALA D 143 -47.51 -37.04 22.17
N VAL D 144 -48.69 -37.51 21.75
CA VAL D 144 -49.03 -37.52 20.33
C VAL D 144 -49.09 -36.08 19.78
N ASN D 145 -49.76 -35.19 20.52
CA ASN D 145 -49.90 -33.80 20.09
C ASN D 145 -48.51 -33.11 20.11
N GLN D 146 -47.64 -33.50 21.04
CA GLN D 146 -46.28 -32.97 21.07
C GLN D 146 -45.56 -33.33 19.75
N VAL D 147 -45.68 -34.59 19.33
CA VAL D 147 -45.04 -35.06 18.13
C VAL D 147 -45.59 -34.29 16.93
N GLU D 148 -46.92 -34.02 16.92
CA GLU D 148 -47.52 -33.39 15.74
C GLU D 148 -47.03 -31.93 15.67
N PHE D 149 -46.94 -31.29 16.83
CA PHE D 149 -46.50 -29.89 16.89
C PHE D 149 -45.05 -29.77 16.45
N LEU D 150 -44.20 -30.69 16.93
CA LEU D 150 -42.77 -30.67 16.60
C LEU D 150 -42.55 -31.04 15.14
N GLU D 151 -43.41 -31.92 14.58
CA GLU D 151 -43.27 -32.17 13.14
C GLU D 151 -43.54 -30.88 12.36
N SER D 152 -44.58 -30.11 12.75
CA SER D 152 -44.90 -28.88 12.04
C SER D 152 -43.75 -27.88 12.14
N LEU D 153 -43.12 -27.84 13.34
CA LEU D 153 -41.94 -27.00 13.56
C LEU D 153 -40.79 -27.43 12.61
N TYR D 154 -40.45 -28.72 12.61
CA TYR D 154 -39.40 -29.21 11.75
C TYR D 154 -39.66 -28.80 10.28
N LEU D 155 -40.91 -28.92 9.81
CA LEU D 155 -41.33 -28.61 8.45
C LEU D 155 -41.51 -27.12 8.16
N ASN D 156 -41.38 -26.26 9.17
CA ASN D 156 -41.66 -24.82 9.10
C ASN D 156 -43.13 -24.56 8.75
N LYS D 157 -44.01 -25.51 9.11
CA LYS D 157 -45.43 -25.40 8.83
C LYS D 157 -46.23 -24.78 9.97
N LEU D 158 -45.64 -24.38 11.10
CA LEU D 158 -46.44 -23.65 12.09
C LEU D 158 -46.83 -22.27 11.55
N SER D 159 -47.87 -21.62 12.12
CA SER D 159 -48.32 -20.29 11.71
C SER D 159 -47.41 -19.25 12.30
N ALA D 160 -46.20 -19.19 11.77
CA ALA D 160 -45.20 -18.28 12.23
C ALA D 160 -44.24 -18.15 11.05
N SER D 161 -43.43 -17.09 11.03
CA SER D 161 -42.49 -16.98 9.92
C SER D 161 -41.51 -18.16 9.92
N LYS D 162 -41.06 -18.57 8.73
CA LYS D 162 -39.96 -19.52 8.61
C LYS D 162 -38.75 -19.08 9.48
N GLU D 163 -38.41 -17.78 9.42
CA GLU D 163 -37.25 -17.28 10.13
C GLU D 163 -37.35 -17.58 11.62
N ASN D 164 -38.53 -17.32 12.19
CA ASN D 164 -38.68 -17.48 13.63
C ASN D 164 -38.61 -18.97 13.97
N GLN D 165 -39.15 -19.81 13.10
CA GLN D 165 -39.17 -21.24 13.36
C GLN D 165 -37.73 -21.75 13.33
N LEU D 166 -36.91 -21.21 12.40
CA LEU D 166 -35.51 -21.56 12.30
C LEU D 166 -34.73 -21.11 13.53
N ILE D 167 -34.98 -19.89 14.02
CA ILE D 167 -34.27 -19.39 15.18
C ILE D 167 -34.50 -20.35 16.37
N VAL D 168 -35.76 -20.72 16.61
CA VAL D 168 -36.07 -21.59 17.73
C VAL D 168 -35.48 -23.00 17.53
N LYS D 169 -35.51 -23.51 16.29
CA LYS D 169 -34.88 -24.79 15.99
C LYS D 169 -33.41 -24.76 16.38
N GLU D 170 -32.67 -23.70 16.00
CA GLU D 170 -31.26 -23.70 16.37
C GLU D 170 -31.11 -23.72 17.89
N ALA D 171 -31.97 -22.96 18.59
CA ALA D 171 -31.87 -22.86 20.03
C ALA D 171 -32.11 -24.22 20.71
N LEU D 172 -32.85 -25.11 20.04
CA LEU D 172 -33.20 -26.42 20.59
C LEU D 172 -32.20 -27.53 20.28
N VAL D 173 -31.14 -27.27 19.50
CA VAL D 173 -30.18 -28.32 19.14
C VAL D 173 -29.49 -28.80 20.42
N THR D 174 -29.49 -30.12 20.65
CA THR D 174 -28.84 -30.63 21.86
C THR D 174 -27.78 -31.67 21.55
N GLU D 175 -27.79 -32.24 20.34
CA GLU D 175 -26.70 -33.11 19.96
CA GLU D 175 -26.72 -33.15 19.95
C GLU D 175 -26.40 -32.87 18.49
N ALA D 176 -25.11 -32.90 18.16
CA ALA D 176 -24.69 -32.64 16.79
C ALA D 176 -23.54 -33.56 16.37
N ALA D 177 -23.72 -34.25 15.25
CA ALA D 177 -22.65 -34.93 14.54
C ALA D 177 -22.89 -34.71 13.06
N PRO D 178 -21.94 -35.00 12.13
CA PRO D 178 -22.16 -34.69 10.70
C PRO D 178 -23.50 -35.19 10.13
N GLU D 179 -23.90 -36.41 10.50
CA GLU D 179 -25.13 -36.96 9.91
C GLU D 179 -26.08 -37.36 11.04
N TYR D 180 -25.98 -36.69 12.21
CA TYR D 180 -26.87 -36.98 13.33
C TYR D 180 -27.13 -35.70 14.12
N LEU D 181 -28.38 -35.22 14.09
CA LEU D 181 -28.70 -33.97 14.75
C LEU D 181 -29.93 -34.22 15.63
N VAL D 182 -29.86 -33.76 16.88
CA VAL D 182 -31.01 -33.88 17.78
C VAL D 182 -31.46 -32.49 18.24
N HIS D 183 -32.78 -32.24 18.19
CA HIS D 183 -33.38 -31.06 18.76
C HIS D 183 -34.29 -31.61 19.85
N SER D 184 -34.24 -31.06 21.06
CA SER D 184 -35.00 -31.71 22.14
C SER D 184 -35.24 -30.71 23.25
N LYS D 185 -36.20 -31.00 24.14
CA LYS D 185 -36.42 -30.14 25.28
C LYS D 185 -36.99 -30.96 26.45
N THR D 186 -36.48 -30.74 27.66
CA THR D 186 -36.97 -31.47 28.84
C THR D 186 -38.07 -30.69 29.54
N GLY D 187 -38.79 -31.37 30.42
CA GLY D 187 -39.65 -30.64 31.32
C GLY D 187 -39.81 -31.42 32.62
N TRP D 188 -40.12 -30.70 33.70
CA TRP D 188 -40.51 -31.34 34.94
C TRP D 188 -41.61 -30.49 35.56
N GLY D 189 -42.83 -31.04 35.56
CA GLY D 189 -43.96 -30.23 36.00
C GLY D 189 -44.28 -30.50 37.46
N MET D 190 -43.77 -29.68 38.40
CA MET D 190 -44.03 -29.95 39.80
C MET D 190 -45.39 -29.41 40.27
N GLY D 191 -46.04 -28.59 39.43
CA GLY D 191 -47.26 -27.91 39.85
C GLY D 191 -48.54 -28.71 39.57
N VAL D 192 -48.40 -30.02 39.33
CA VAL D 192 -49.50 -30.93 39.10
C VAL D 192 -49.23 -32.20 39.92
N THR D 193 -50.27 -32.99 40.23
CA THR D 193 -50.14 -34.27 40.94
C THR D 193 -50.78 -35.38 40.13
N PRO D 194 -50.03 -36.49 39.78
CA PRO D 194 -48.60 -36.63 40.05
C PRO D 194 -47.78 -35.64 39.21
N GLN D 195 -46.54 -35.39 39.64
CA GLN D 195 -45.64 -34.55 38.86
C GLN D 195 -45.39 -35.23 37.50
N VAL D 196 -45.05 -34.45 36.46
CA VAL D 196 -44.83 -35.07 35.15
C VAL D 196 -43.39 -34.76 34.72
N GLY D 197 -42.71 -35.75 34.15
CA GLY D 197 -41.42 -35.44 33.49
C GLY D 197 -41.55 -35.65 32.00
N TRP D 198 -40.90 -34.76 31.21
CA TRP D 198 -41.06 -34.83 29.77
C TRP D 198 -39.69 -34.92 29.11
N TRP D 199 -39.60 -35.60 27.95
CA TRP D 199 -38.55 -35.28 26.96
C TRP D 199 -39.16 -35.33 25.55
N VAL D 200 -39.10 -34.23 24.78
CA VAL D 200 -39.73 -34.20 23.45
C VAL D 200 -38.67 -33.67 22.47
N GLY D 201 -38.77 -34.13 21.22
CA GLY D 201 -37.77 -33.67 20.25
C GLY D 201 -37.88 -34.43 18.94
N TRP D 202 -36.80 -34.35 18.16
CA TRP D 202 -36.71 -35.10 16.91
C TRP D 202 -35.25 -35.33 16.59
N VAL D 203 -35.03 -36.41 15.85
CA VAL D 203 -33.71 -36.90 15.48
C VAL D 203 -33.67 -36.88 13.95
N GLU D 204 -32.67 -36.19 13.42
CA GLU D 204 -32.34 -36.29 12.00
C GLU D 204 -31.08 -37.16 11.90
N LYS D 205 -31.26 -38.33 11.30
CA LYS D 205 -30.19 -39.30 11.12
C LYS D 205 -30.06 -39.60 9.64
N GLU D 206 -28.87 -39.34 9.06
CA GLU D 206 -28.68 -39.36 7.61
C GLU D 206 -29.82 -38.61 6.95
N THR D 207 -30.60 -39.25 6.07
CA THR D 207 -31.71 -38.51 5.46
C THR D 207 -33.07 -38.87 6.07
N GLU D 208 -33.06 -39.55 7.22
CA GLU D 208 -34.32 -39.92 7.86
C GLU D 208 -34.63 -38.96 9.00
N VAL D 209 -35.89 -38.93 9.46
CA VAL D 209 -36.21 -38.12 10.62
C VAL D 209 -37.11 -38.94 11.53
N TYR D 210 -36.91 -38.78 12.84
CA TYR D 210 -37.77 -39.43 13.82
C TYR D 210 -38.27 -38.41 14.83
N PHE D 211 -39.60 -38.32 15.05
CA PHE D 211 -40.19 -37.44 16.05
C PHE D 211 -40.42 -38.25 17.33
N PHE D 212 -40.23 -37.65 18.52
CA PHE D 212 -40.49 -38.44 19.70
C PHE D 212 -41.10 -37.59 20.80
N ALA D 213 -41.84 -38.25 21.69
CA ALA D 213 -42.30 -37.55 22.87
C ALA D 213 -42.44 -38.58 23.98
N PHE D 214 -41.79 -38.27 25.12
CA PHE D 214 -41.83 -39.13 26.30
C PHE D 214 -42.42 -38.34 27.47
N ASN D 215 -43.25 -39.01 28.30
CA ASN D 215 -43.56 -38.49 29.62
C ASN D 215 -43.73 -39.64 30.62
N MET D 216 -43.66 -39.28 31.92
CA MET D 216 -43.70 -40.23 33.01
C MET D 216 -44.17 -39.51 34.27
N ASP D 217 -44.69 -40.27 35.22
CA ASP D 217 -44.99 -39.74 36.55
C ASP D 217 -43.70 -39.74 37.37
N ILE D 218 -43.39 -38.58 37.99
CA ILE D 218 -42.11 -38.30 38.64
C ILE D 218 -42.44 -38.13 40.13
N ASP D 219 -41.77 -38.89 41.00
CA ASP D 219 -42.01 -38.68 42.43
C ASP D 219 -41.29 -37.42 42.91
N ASN D 220 -40.08 -37.22 42.37
CA ASN D 220 -39.18 -36.17 42.77
C ASN D 220 -37.95 -36.25 41.84
N GLU D 221 -37.00 -35.35 42.11
CA GLU D 221 -35.88 -35.02 41.24
C GLU D 221 -35.07 -36.26 40.84
N SER D 222 -35.03 -37.30 41.69
CA SER D 222 -34.00 -38.32 41.51
C SER D 222 -34.26 -39.13 40.24
N LYS D 223 -35.53 -39.21 39.81
CA LYS D 223 -35.93 -40.01 38.66
C LYS D 223 -35.83 -39.20 37.36
N LEU D 224 -35.40 -37.93 37.42
CA LEU D 224 -35.43 -37.08 36.23
C LEU D 224 -34.56 -37.62 35.08
N PRO D 225 -33.37 -38.23 35.32
CA PRO D 225 -32.57 -38.75 34.19
C PRO D 225 -33.26 -39.81 33.33
N LEU D 226 -34.32 -40.41 33.87
CA LEU D 226 -35.03 -41.42 33.11
C LEU D 226 -35.72 -40.81 31.89
N ARG D 227 -36.04 -39.50 31.93
CA ARG D 227 -36.66 -38.81 30.80
C ARG D 227 -35.81 -38.98 29.54
N LYS D 228 -34.49 -39.09 29.70
CA LYS D 228 -33.65 -39.34 28.54
C LYS D 228 -33.27 -40.82 28.40
N SER D 229 -32.96 -41.50 29.52
CA SER D 229 -32.42 -42.85 29.38
C SER D 229 -33.46 -43.84 28.84
N ILE D 230 -34.74 -43.68 29.23
CA ILE D 230 -35.73 -44.64 28.73
C ILE D 230 -35.92 -44.44 27.22
N PRO D 231 -36.23 -43.23 26.73
CA PRO D 231 -36.23 -42.98 25.28
C PRO D 231 -34.99 -43.47 24.54
N THR D 232 -33.81 -43.25 25.13
CA THR D 232 -32.55 -43.62 24.51
C THR D 232 -32.53 -45.13 24.28
N LYS D 233 -32.96 -45.91 25.29
CA LYS D 233 -32.92 -47.35 25.15
C LYS D 233 -33.91 -47.87 24.10
N ILE D 234 -35.13 -47.29 24.10
CA ILE D 234 -36.08 -47.63 23.05
C ILE D 234 -35.51 -47.30 21.67
N MET D 235 -35.00 -46.08 21.49
CA MET D 235 -34.47 -45.71 20.17
C MET D 235 -33.27 -46.57 19.77
N GLU D 236 -32.46 -46.96 20.74
CA GLU D 236 -31.41 -47.91 20.48
C GLU D 236 -31.99 -49.22 19.95
N SER D 237 -33.10 -49.73 20.55
CA SER D 237 -33.63 -51.04 20.17
CA SER D 237 -33.60 -51.04 20.16
C SER D 237 -34.18 -50.97 18.77
N GLU D 238 -34.53 -49.74 18.35
CA GLU D 238 -35.11 -49.51 17.05
C GLU D 238 -34.02 -49.23 16.02
N GLY D 239 -32.75 -49.25 16.44
CA GLY D 239 -31.69 -49.07 15.46
C GLY D 239 -31.35 -47.61 15.17
N ILE D 240 -31.98 -46.67 15.90
CA ILE D 240 -31.82 -45.25 15.61
C ILE D 240 -30.47 -44.72 16.08
N ILE D 241 -29.99 -45.18 17.25
CA ILE D 241 -28.84 -44.54 17.89
C ILE D 241 -27.55 -45.00 17.21
N GLY D 242 -27.47 -46.30 16.93
CA GLY D 242 -26.21 -46.90 16.53
C GLY D 242 -26.16 -47.07 15.02
N GLY D 243 -25.31 -48.01 14.58
CA GLY D 243 -25.19 -48.41 13.19
C GLY D 243 -24.80 -49.88 13.13
CG 2RG E . -12.08 -36.19 5.54
CAA 2RG E . -12.32 -29.82 1.50
CAB 2RG E . -11.96 -31.21 1.05
OAC 2RG E . -11.42 -29.07 1.85
CAD 2RG E . -12.48 -32.31 1.99
CAE 2RG E . -12.39 -31.34 -0.42
CAF 2RG E . -11.74 -30.28 -1.28
OAG 2RG E . -12.07 -32.66 -0.85
CAH 2RG E . -11.69 -33.63 2.10
CAI 2RG E . -11.66 -33.89 3.63
NAJ 2RG E . -12.54 -31.73 3.37
SAK 2RG E . -12.84 -35.21 4.21
CAL 2RG E . -11.96 -32.51 4.21
CAM 2RG E . -11.68 -32.01 5.61
CAS 2RG E . -10.32 -33.73 1.44
OAT 2RG E . -11.90 -30.81 5.82
OAU 2RG E . -11.32 -32.82 6.47
C1 EDO F . -38.60 -26.34 4.14
O1 EDO F . -38.86 -27.52 3.43
C2 EDO F . -39.88 -25.63 4.22
O2 EDO F . -39.67 -24.33 4.65
CG 2RG G . 22.36 12.12 -29.83
CAA 2RG G . 20.90 8.17 -23.73
CAB 2RG G . 21.31 7.64 -25.08
OAC 2RG G . 19.72 8.20 -23.48
CAD 2RG G . 21.79 8.75 -26.03
CAE 2RG G . 22.26 6.45 -24.87
CAF 2RG G . 21.60 5.30 -24.15
OAG 2RG G . 22.75 6.06 -26.16
CAH 2RG G . 21.68 8.46 -27.54
CAI 2RG G . 21.36 9.87 -28.07
NAJ 2RG G . 20.97 9.97 -25.78
SAK 2RG G . 22.86 10.86 -28.61
CAL 2RG G . 20.59 10.49 -26.90
CAM 2RG G . 19.48 11.54 -26.95
CAS 2RG G . 20.63 7.44 -27.96
OAT 2RG G . 19.16 12.00 -28.05
OAU 2RG G . 18.90 11.80 -25.88
C1 EDO H . 23.38 18.00 -21.75
O1 EDO H . 24.08 18.12 -20.50
C2 EDO H . 21.96 17.49 -21.71
O2 EDO H . 21.75 16.11 -21.95
C1 EDO I . 44.31 16.09 -25.17
O1 EDO I . 44.69 15.92 -23.81
C2 EDO I . 43.04 15.40 -25.48
O2 EDO I . 42.49 15.68 -26.76
C 2RG J . 23.28 44.44 -17.02
N 2RG J . 24.65 46.20 -18.06
O 2RG J . 22.44 45.16 -16.49
CA 2RG J . 24.68 44.95 -17.29
CB 2RG J . 25.36 45.30 -15.98
CD 2RG J . 25.32 47.28 -17.30
CG 2RG J . 26.22 46.50 -16.33
CAA 2RG J . 32.02 47.16 -13.57
CAB 2RG J . 31.03 48.28 -13.42
OAC 2RG J . 32.99 47.34 -14.28
CAD 2RG J . 29.69 48.00 -14.08
CAE 2RG J . 30.99 48.75 -11.96
CAF 2RG J . 32.37 48.99 -11.40
OAG 2RG J . 30.20 49.94 -11.93
CAH 2RG J . 28.71 49.19 -14.28
CAI 2RG J . 27.92 48.66 -15.49
NAJ 2RG J . 29.88 47.41 -15.47
SAK 2RG J . 26.72 47.43 -14.85
CAL 2RG J . 28.96 47.87 -16.26
CAM 2RG J . 28.86 47.64 -17.75
CAS 2RG J . 29.24 50.60 -14.49
OAT 2RG J . 29.52 46.73 -18.25
OAU 2RG J . 28.08 48.35 -18.41
NAX 2RG J . 23.08 43.17 -17.43
CAY 2RG J . 22.04 42.29 -17.04
CAZ 2RG J . 20.77 42.75 -16.68
CBA 2RG J . 19.79 41.84 -16.30
CBB 2RG J . 20.08 40.47 -16.30
CBC 2RG J . 21.35 40.04 -16.65
CBD 2RG J . 22.32 40.93 -17.03
CBE 2RG J . 18.44 42.31 -15.90
OBF 2RG J . 18.08 43.48 -16.03
OBG 2RG J . 17.67 41.36 -15.39
C1 EDO K . 28.27 25.77 -8.84
O1 EDO K . 27.52 26.39 -7.80
C2 EDO K . 27.94 24.39 -9.34
O2 EDO K . 29.03 23.83 -10.14
C1 EDO L . 20.23 32.67 -10.83
O1 EDO L . 21.48 32.56 -10.09
C2 EDO L . 20.06 33.83 -11.73
O2 EDO L . 21.13 33.95 -12.69
C1 EDO M . 33.84 33.66 -27.36
O1 EDO M . 32.92 32.62 -27.58
C2 EDO M . 33.37 34.85 -28.12
O2 EDO M . 32.02 35.16 -27.79
C1 EDO N . 33.42 41.12 10.52
O1 EDO N . 34.55 41.62 11.26
C2 EDO N . 33.44 40.98 9.01
O2 EDO N . 32.46 40.02 8.54
C1 EDO O . 33.32 21.77 -22.55
O1 EDO O . 34.04 20.90 -21.70
C2 EDO O . 34.07 21.74 -23.79
O2 EDO O . 34.17 20.43 -24.31
C1 EDO P . 41.73 56.07 -31.88
O1 EDO P . 42.92 56.76 -31.61
C2 EDO P . 41.44 55.91 -33.32
O2 EDO P . 41.19 57.10 -34.06
C 2RG Q . -29.61 -27.05 34.05
N 2RG Q . -31.24 -28.69 34.96
O 2RG Q . -29.31 -26.39 35.05
CA 2RG Q . -30.99 -27.67 33.92
CB 2RG Q . -32.07 -26.60 34.15
CD 2RG Q . -32.44 -28.34 35.74
CG 2RG Q . -33.20 -27.37 34.81
CAA 2RG Q . -39.40 -27.10 33.27
CAB 2RG Q . -38.99 -26.62 34.63
OAC 2RG Q . -40.15 -28.03 33.22
CAD 2RG Q . -37.50 -26.76 34.94
CAE 2RG Q . -39.63 -25.26 34.95
CAF 2RG Q . -41.08 -25.22 34.57
OAG 2RG Q . -39.48 -25.05 36.35
CAH 2RG Q . -37.04 -26.73 36.42
CAI 2RG Q . -35.69 -27.44 36.23
NAJ 2RG Q . -36.99 -28.05 34.38
SAK 2RG Q . -34.37 -26.27 35.64
CAL 2RG Q . -36.04 -28.47 35.16
CAM 2RG Q . -35.37 -29.83 35.02
CAS 2RG Q . -37.87 -27.33 37.57
OAT 2RG Q . -35.55 -30.44 33.96
OAU 2RG Q . -34.65 -30.25 35.95
NAX 2RG Q . -28.79 -27.28 33.00
CAY 2RG Q . -27.84 -26.41 32.43
CAZ 2RG Q . -26.99 -25.61 33.20
CBA 2RG Q . -26.07 -24.77 32.58
CBB 2RG Q . -25.99 -24.75 31.19
CBC 2RG Q . -26.84 -25.54 30.43
CBD 2RG Q . -27.74 -26.38 31.04
CBE 2RG Q . -25.17 -23.89 33.39
OBF 2RG Q . -25.29 -23.76 34.61
OBG 2RG Q . -24.27 -23.23 32.68
C1 EDO R . -28.14 -33.99 9.53
O1 EDO R . -29.00 -33.37 8.57
C2 EDO R . -28.41 -35.42 9.42
O2 EDO R . -27.96 -35.96 8.18
C1 EDO S . -25.12 -20.05 24.89
O1 EDO S . -25.64 -21.40 24.88
C2 EDO S . -25.30 -19.44 23.57
O2 EDO S . -26.60 -18.87 23.20
C1 EDO T . -52.52 -12.41 36.20
O1 EDO T . -51.18 -12.92 36.28
C2 EDO T . -52.87 -12.20 34.78
O2 EDO T . -53.05 -13.43 34.09
C1 EDO U . -49.22 -9.52 16.31
O1 EDO U . -49.18 -9.16 17.67
C2 EDO U . -49.13 -10.98 16.26
O2 EDO U . -50.00 -11.41 17.29
C1 EDO V . -25.97 -20.27 28.83
O1 EDO V . -25.85 -21.53 28.15
C2 EDO V . -25.95 -20.39 30.32
O2 EDO V . -25.10 -21.45 30.75
#